data_6X3F
#
_entry.id   6X3F
#
_cell.length_a   1.00
_cell.length_b   1.00
_cell.length_c   1.00
_cell.angle_alpha   90.00
_cell.angle_beta   90.00
_cell.angle_gamma   90.00
#
_symmetry.space_group_name_H-M   'P 1'
#
loop_
_entity.id
_entity.type
_entity.pdbx_description
1 polymer 'Excitatory amino acid transporter 3'
2 non-polymer 'CHOLINE ION'
#
_entity_poly.entity_id   1
_entity_poly.type   'polypeptide(L)'
_entity_poly.pdbx_seq_one_letter_code
;GPMGKPARKGCEWKRFLKNNWVLLSTVAAVVLGITTGVLVREHSNLSTLEKFYFAFPGEILMRMLKLIILPLIISSMITG
VAALDSNVSGKIGLRAVVYYFCTTLIAVILGIVLVVSIKPGVTQKVGEIARTGSTPEVSTVDAMLDLIRNMFPENLVQAC
FQQYKTKREEVKPPSDPEMNMTEESFTAVMTTAISKNKTKEYKIVGMYSDGINVLGLIVFCLVFGLVIGKMGEKGQILVD
FFNALSDATMKIVQIIMCYMPLGILFLIAGKIIEVEDWEIFRKLGLYMATVLTGLAIHSIVILPLIYFIVVRKNPFRFAM
GMAQALLTALMISSSSATLPVTFRCAEENNQVDKRITRFVLPVGATINMDGTALYEAVAAVFIAQLNDLDLGIGQIITIS
ITATSASIGAAGVPQAGLVTMVIVLSAVGLPAEDVTLIIAVDWLLDRFRTMVNVLGDAFGTGIVEKLSKKELEQMDVSSE
VNIVNPFALESTILDNEDSDTKKSYVNGGFAVDKSDTISFTQTSQF
;
_entity_poly.pdbx_strand_id   A,B,C
#
loop_
_chem_comp.id
_chem_comp.type
_chem_comp.name
_chem_comp.formula
CHT non-polymer 'CHOLINE ION' 'C5 H14 N O 1'
#
# COMPACT_ATOMS: atom_id res chain seq x y z
N ASN A 20 -4.24 -13.23 36.72
CA ASN A 20 -3.82 -12.60 35.48
C ASN A 20 -4.78 -11.46 35.14
N TRP A 21 -4.30 -10.44 34.44
CA TRP A 21 -5.13 -9.28 34.19
C TRP A 21 -6.05 -9.48 32.99
N VAL A 22 -5.49 -9.95 31.86
CA VAL A 22 -6.27 -10.00 30.63
C VAL A 22 -7.33 -11.10 30.68
N LEU A 23 -7.18 -12.09 31.57
CA LEU A 23 -8.25 -13.07 31.76
C LEU A 23 -9.31 -12.57 32.73
N LEU A 24 -8.88 -12.05 33.87
CA LEU A 24 -9.82 -11.58 34.89
C LEU A 24 -10.70 -10.44 34.41
N SER A 25 -10.12 -9.54 33.62
CA SER A 25 -10.87 -8.39 33.14
C SER A 25 -11.87 -8.78 32.05
N THR A 26 -11.55 -9.81 31.27
CA THR A 26 -12.46 -10.24 30.22
C THR A 26 -13.63 -11.03 30.79
N VAL A 27 -13.40 -11.83 31.83
CA VAL A 27 -14.50 -12.51 32.51
C VAL A 27 -15.37 -11.50 33.25
N ALA A 28 -14.75 -10.48 33.84
CA ALA A 28 -15.52 -9.45 34.54
C ALA A 28 -16.23 -8.50 33.59
N ALA A 29 -15.96 -8.56 32.28
CA ALA A 29 -16.71 -7.80 31.30
C ALA A 29 -17.75 -8.64 30.58
N VAL A 30 -17.65 -9.96 30.66
CA VAL A 30 -18.72 -10.82 30.19
C VAL A 30 -19.83 -10.89 31.25
N VAL A 31 -19.45 -10.90 32.53
CA VAL A 31 -20.44 -10.95 33.60
C VAL A 31 -21.20 -9.63 33.69
N LEU A 32 -20.50 -8.50 33.66
CA LEU A 32 -21.18 -7.21 33.65
C LEU A 32 -21.83 -6.91 32.31
N GLY A 33 -21.51 -7.64 31.25
CA GLY A 33 -22.16 -7.46 29.98
C GLY A 33 -23.54 -8.09 29.97
N ILE A 34 -23.66 -9.24 30.63
CA ILE A 34 -24.96 -9.88 30.77
C ILE A 34 -25.76 -9.19 31.87
N THR A 35 -25.09 -8.62 32.87
CA THR A 35 -25.77 -7.89 33.93
C THR A 35 -26.39 -6.60 33.40
N THR A 36 -25.64 -5.85 32.57
CA THR A 36 -26.22 -4.69 31.90
C THR A 36 -27.23 -5.12 30.86
N GLY A 37 -27.04 -6.30 30.26
CA GLY A 37 -27.88 -6.73 29.15
C GLY A 37 -29.30 -7.11 29.53
N VAL A 38 -29.51 -7.64 30.73
CA VAL A 38 -30.87 -8.00 31.15
C VAL A 38 -31.50 -6.90 32.01
N LEU A 39 -30.71 -5.94 32.47
CA LEU A 39 -31.26 -4.78 33.17
C LEU A 39 -31.60 -3.63 32.23
N VAL A 40 -31.61 -3.88 30.92
CA VAL A 40 -32.09 -2.91 29.94
C VAL A 40 -33.30 -3.45 29.18
N ARG A 41 -33.26 -4.72 28.78
CA ARG A 41 -34.38 -5.30 28.03
C ARG A 41 -35.56 -5.64 28.94
N GLU A 42 -35.31 -5.92 30.23
CA GLU A 42 -36.39 -6.24 31.15
C GLU A 42 -36.64 -5.10 32.14
N HIS A 43 -36.07 -3.93 31.89
CA HIS A 43 -36.25 -2.78 32.77
C HIS A 43 -36.53 -1.49 32.01
N SER A 44 -36.46 -1.50 30.69
CA SER A 44 -36.69 -0.31 29.86
C SER A 44 -37.13 -0.78 28.49
N ASN A 45 -37.13 0.14 27.52
CA ASN A 45 -37.52 -0.18 26.15
C ASN A 45 -36.81 0.79 25.23
N LEU A 46 -35.89 0.28 24.41
CA LEU A 46 -35.15 1.08 23.46
C LEU A 46 -35.69 0.88 22.06
N SER A 47 -35.48 1.90 21.20
CA SER A 47 -35.90 1.83 19.83
C SER A 47 -34.92 1.00 19.01
N THR A 48 -35.19 0.87 17.70
CA THR A 48 -34.25 0.20 16.82
C THR A 48 -33.01 1.07 16.59
N LEU A 49 -33.14 2.38 16.78
CA LEU A 49 -32.00 3.28 16.66
C LEU A 49 -31.18 3.33 17.93
N GLU A 50 -31.84 3.32 19.10
CA GLU A 50 -31.11 3.40 20.36
C GLU A 50 -30.50 2.07 20.79
N LYS A 51 -30.82 0.98 20.10
CA LYS A 51 -30.06 -0.26 20.25
C LYS A 51 -28.88 -0.34 19.30
N PHE A 52 -28.72 0.65 18.43
CA PHE A 52 -27.53 0.80 17.62
C PHE A 52 -26.52 1.77 18.24
N TYR A 53 -27.00 2.79 18.94
CA TYR A 53 -26.10 3.68 19.65
C TYR A 53 -25.66 3.12 20.99
N PHE A 54 -26.34 2.09 21.48
CA PHE A 54 -25.93 1.45 22.72
C PHE A 54 -24.79 0.48 22.48
N ALA A 55 -24.68 -0.07 21.27
CA ALA A 55 -23.59 -0.96 20.91
C ALA A 55 -22.52 -0.26 20.10
N PHE A 56 -22.37 1.06 20.26
CA PHE A 56 -21.31 1.79 19.58
C PHE A 56 -19.91 1.64 20.20
N PRO A 57 -19.71 1.59 21.52
CA PRO A 57 -18.36 1.29 22.03
C PRO A 57 -17.86 -0.10 21.67
N GLY A 58 -18.76 -1.05 21.37
CA GLY A 58 -18.35 -2.33 20.85
C GLY A 58 -18.23 -2.34 19.34
N GLU A 59 -18.79 -1.33 18.68
CA GLU A 59 -18.56 -1.20 17.25
C GLU A 59 -17.15 -0.70 16.98
N ILE A 60 -16.68 0.26 17.78
CA ILE A 60 -15.35 0.85 17.62
C ILE A 60 -14.26 -0.19 17.90
N LEU A 61 -14.53 -1.14 18.79
CA LEU A 61 -13.59 -2.24 19.01
C LEU A 61 -13.45 -3.13 17.79
N MET A 62 -14.56 -3.37 17.08
CA MET A 62 -14.49 -4.17 15.86
C MET A 62 -13.84 -3.42 14.71
N ARG A 63 -13.87 -2.08 14.72
CA ARG A 63 -13.09 -1.34 13.75
C ARG A 63 -11.62 -1.33 14.12
N MET A 64 -11.31 -1.26 15.41
CA MET A 64 -9.93 -1.29 15.88
C MET A 64 -9.27 -2.64 15.61
N LEU A 65 -10.04 -3.72 15.72
CA LEU A 65 -9.47 -5.05 15.50
C LEU A 65 -9.22 -5.32 14.02
N LYS A 66 -10.17 -4.95 13.16
CA LYS A 66 -9.96 -5.10 11.71
C LYS A 66 -8.92 -4.14 11.17
N LEU A 67 -8.63 -3.05 11.89
CA LEU A 67 -7.59 -2.12 11.48
C LEU A 67 -6.22 -2.76 11.50
N ILE A 68 -5.99 -3.66 12.47
CA ILE A 68 -4.65 -4.14 12.77
C ILE A 68 -4.33 -5.47 12.10
N ILE A 69 -5.32 -6.18 11.54
CA ILE A 69 -5.04 -7.48 10.96
C ILE A 69 -4.32 -7.41 9.62
N LEU A 70 -4.23 -6.24 9.02
CA LEU A 70 -3.45 -6.15 7.78
C LEU A 70 -1.95 -6.02 8.03
N PRO A 71 -1.43 -5.15 8.93
CA PRO A 71 0.00 -5.22 9.20
C PRO A 71 0.40 -6.35 10.15
N LEU A 72 -0.55 -7.07 10.73
CA LEU A 72 -0.22 -8.23 11.57
C LEU A 72 -0.09 -9.49 10.74
N ILE A 73 -0.87 -9.63 9.67
CA ILE A 73 -0.72 -10.78 8.78
C ILE A 73 0.59 -10.68 8.02
N ILE A 74 0.91 -9.48 7.55
CA ILE A 74 2.03 -9.30 6.63
C ILE A 74 3.35 -9.41 7.38
N SER A 75 3.43 -8.81 8.57
CA SER A 75 4.69 -8.81 9.29
C SER A 75 4.98 -10.13 10.00
N SER A 76 3.95 -10.80 10.52
CA SER A 76 4.19 -12.02 11.28
C SER A 76 4.33 -13.25 10.39
N MET A 77 3.85 -13.17 9.15
CA MET A 77 4.11 -14.25 8.21
C MET A 77 5.48 -14.10 7.57
N ILE A 78 5.95 -12.88 7.36
CA ILE A 78 7.26 -12.70 6.76
C ILE A 78 8.36 -13.06 7.75
N THR A 79 8.19 -12.67 9.02
CA THR A 79 9.20 -13.00 10.02
C THR A 79 9.05 -14.39 10.59
N GLY A 80 7.84 -14.95 10.56
CA GLY A 80 7.67 -16.32 11.02
C GLY A 80 8.30 -17.33 10.09
N VAL A 81 8.41 -16.99 8.82
CA VAL A 81 8.94 -17.90 7.81
C VAL A 81 10.41 -17.64 7.55
N ALA A 82 10.84 -16.38 7.58
CA ALA A 82 12.26 -16.06 7.44
C ALA A 82 13.07 -16.42 8.67
N ALA A 83 12.42 -16.69 9.80
CA ALA A 83 13.10 -17.25 10.96
C ALA A 83 12.85 -18.74 11.11
N LEU A 84 11.91 -19.28 10.33
CA LEU A 84 11.77 -20.74 10.27
C LEU A 84 12.93 -21.37 9.51
N ASP A 85 13.46 -20.67 8.50
CA ASP A 85 14.76 -21.03 7.95
C ASP A 85 15.82 -20.82 9.03
N SER A 86 16.83 -21.71 9.02
CA SER A 86 17.84 -22.02 10.04
C SER A 86 17.25 -22.66 11.29
N ASN A 87 15.94 -22.86 11.36
CA ASN A 87 15.33 -23.73 12.35
C ASN A 87 14.86 -25.05 11.73
N VAL A 88 15.10 -25.25 10.45
CA VAL A 88 14.80 -26.51 9.76
C VAL A 88 16.09 -27.06 9.17
N SER A 89 17.20 -26.83 9.88
CA SER A 89 18.51 -27.27 9.39
C SER A 89 18.62 -28.80 9.45
N GLY A 90 19.04 -29.39 8.33
CA GLY A 90 19.21 -30.82 8.26
C GLY A 90 17.99 -31.55 7.75
N LYS A 91 17.83 -32.80 8.15
CA LYS A 91 16.63 -33.56 7.86
C LYS A 91 15.71 -33.71 9.07
N ILE A 92 16.17 -33.32 10.26
CA ILE A 92 15.31 -33.34 11.44
C ILE A 92 14.24 -32.26 11.32
N GLY A 93 14.63 -31.06 10.90
CA GLY A 93 13.68 -29.98 10.68
C GLY A 93 12.81 -30.16 9.46
N LEU A 94 13.07 -31.17 8.63
CA LEU A 94 12.16 -31.55 7.56
C LEU A 94 11.20 -32.65 7.99
N ARG A 95 11.64 -33.52 8.90
CA ARG A 95 10.78 -34.56 9.45
C ARG A 95 9.89 -34.06 10.58
N ALA A 96 9.90 -32.75 10.85
CA ALA A 96 8.88 -32.12 11.67
C ALA A 96 7.94 -31.24 10.88
N VAL A 97 8.33 -30.79 9.68
CA VAL A 97 7.42 -30.07 8.82
C VAL A 97 6.42 -31.03 8.17
N VAL A 98 6.84 -32.27 7.90
CA VAL A 98 5.92 -33.28 7.39
C VAL A 98 4.96 -33.71 8.49
N TYR A 99 5.44 -33.80 9.74
CA TYR A 99 4.58 -34.22 10.84
C TYR A 99 3.56 -33.16 11.20
N TYR A 100 3.96 -31.89 11.17
CA TYR A 100 3.03 -30.81 11.47
C TYR A 100 2.17 -30.41 10.28
N PHE A 101 2.34 -31.07 9.13
CA PHE A 101 1.37 -31.00 8.06
C PHE A 101 0.47 -32.23 8.01
N CYS A 102 0.97 -33.39 8.44
CA CYS A 102 0.17 -34.60 8.41
C CYS A 102 -0.88 -34.62 9.51
N THR A 103 -0.60 -34.04 10.68
CA THR A 103 -1.60 -33.93 11.72
C THR A 103 -2.39 -32.64 11.67
N THR A 104 -1.98 -31.69 10.83
CA THR A 104 -2.82 -30.52 10.58
C THR A 104 -3.94 -30.89 9.61
N LEU A 105 -3.62 -31.70 8.59
CA LEU A 105 -4.62 -32.10 7.61
C LEU A 105 -5.65 -33.05 8.21
N ILE A 106 -5.27 -33.86 9.20
CA ILE A 106 -6.24 -34.71 9.87
C ILE A 106 -7.12 -33.88 10.80
N ALA A 107 -6.57 -32.82 11.38
CA ALA A 107 -7.38 -31.93 12.22
C ALA A 107 -8.33 -31.07 11.41
N VAL A 108 -8.04 -30.82 10.12
CA VAL A 108 -9.00 -30.12 9.28
C VAL A 108 -10.16 -31.04 8.92
N ILE A 109 -9.86 -32.30 8.61
CA ILE A 109 -10.90 -33.28 8.28
C ILE A 109 -11.75 -33.59 9.52
N LEU A 110 -11.12 -33.63 10.70
CA LEU A 110 -11.86 -33.92 11.93
C LEU A 110 -12.71 -32.73 12.36
N GLY A 111 -12.28 -31.50 12.01
CA GLY A 111 -13.08 -30.34 12.35
C GLY A 111 -14.25 -30.11 11.42
N ILE A 112 -14.10 -30.50 10.15
CA ILE A 112 -15.18 -30.35 9.19
C ILE A 112 -16.24 -31.43 9.39
N VAL A 113 -15.81 -32.66 9.67
CA VAL A 113 -16.73 -33.77 9.90
C VAL A 113 -17.56 -33.55 11.16
N LEU A 114 -16.92 -33.05 12.22
CA LEU A 114 -17.63 -32.89 13.49
C LEU A 114 -18.57 -31.69 13.51
N VAL A 115 -18.33 -30.68 12.67
CA VAL A 115 -19.22 -29.53 12.64
C VAL A 115 -20.37 -29.73 11.66
N VAL A 116 -20.31 -30.79 10.84
CA VAL A 116 -21.37 -31.10 9.88
C VAL A 116 -22.23 -32.21 10.46
N SER A 117 -21.61 -33.13 11.20
CA SER A 117 -22.37 -34.21 11.83
C SER A 117 -23.19 -33.69 13.02
N ILE A 118 -22.59 -32.84 13.85
CA ILE A 118 -23.33 -32.31 15.00
C ILE A 118 -24.24 -31.17 14.57
N LYS A 119 -23.76 -30.30 13.67
CA LYS A 119 -24.36 -29.05 13.23
C LYS A 119 -24.76 -28.16 14.40
N PRO A 120 -23.82 -27.53 15.11
CA PRO A 120 -24.22 -26.60 16.16
C PRO A 120 -24.69 -25.29 15.54
N GLY A 121 -25.93 -24.91 15.84
CA GLY A 121 -26.45 -23.68 15.28
C GLY A 121 -27.22 -23.89 14.00
N VAL A 122 -28.16 -24.84 14.00
CA VAL A 122 -29.13 -24.97 12.92
C VAL A 122 -30.53 -24.94 13.51
N THR A 123 -31.50 -24.68 12.62
CA THR A 123 -32.95 -24.51 12.89
C THR A 123 -33.29 -23.70 14.15
N SER A 139 -21.40 -23.79 -7.46
CA SER A 139 -21.19 -25.22 -7.24
C SER A 139 -20.08 -25.46 -6.22
N THR A 140 -19.61 -26.71 -6.15
CA THR A 140 -18.50 -27.06 -5.27
C THR A 140 -17.17 -26.90 -5.99
N VAL A 141 -17.12 -27.28 -7.28
CA VAL A 141 -15.90 -27.13 -8.07
C VAL A 141 -15.58 -25.65 -8.30
N ASP A 142 -16.61 -24.81 -8.47
CA ASP A 142 -16.38 -23.38 -8.61
C ASP A 142 -16.01 -22.70 -7.30
N ALA A 143 -16.08 -23.40 -6.17
CA ALA A 143 -15.66 -22.86 -4.89
C ALA A 143 -14.37 -23.49 -4.38
N MET A 144 -13.90 -24.57 -5.01
CA MET A 144 -12.57 -25.10 -4.77
C MET A 144 -11.55 -24.55 -5.75
N LEU A 145 -11.99 -24.09 -6.91
CA LEU A 145 -11.12 -23.35 -7.82
C LEU A 145 -11.04 -21.88 -7.47
N ASP A 146 -11.78 -21.42 -6.47
CA ASP A 146 -11.62 -20.07 -5.93
C ASP A 146 -10.71 -20.05 -4.72
N LEU A 147 -10.39 -21.19 -4.14
CA LEU A 147 -9.28 -21.25 -3.20
C LEU A 147 -7.98 -21.00 -3.94
N ILE A 148 -7.77 -21.70 -5.05
CA ILE A 148 -6.54 -21.58 -5.82
C ILE A 148 -6.48 -20.25 -6.58
N ARG A 149 -7.64 -19.66 -6.89
CA ARG A 149 -7.62 -18.33 -7.50
C ARG A 149 -7.32 -17.25 -6.48
N ASN A 150 -7.67 -17.46 -5.22
CA ASN A 150 -7.43 -16.46 -4.20
C ASN A 150 -6.10 -16.61 -3.51
N MET A 151 -5.40 -17.74 -3.70
CA MET A 151 -4.03 -17.84 -3.23
C MET A 151 -3.10 -16.99 -4.08
N PHE A 152 -3.43 -16.82 -5.36
CA PHE A 152 -2.63 -16.04 -6.30
C PHE A 152 -3.49 -14.90 -6.83
N PRO A 153 -3.55 -13.77 -6.12
CA PRO A 153 -4.37 -12.65 -6.60
C PRO A 153 -3.72 -11.95 -7.77
N GLU A 154 -4.51 -11.12 -8.46
CA GLU A 154 -3.98 -10.37 -9.58
C GLU A 154 -3.40 -9.03 -9.17
N ASN A 155 -3.51 -8.67 -7.90
CA ASN A 155 -2.99 -7.40 -7.40
C ASN A 155 -2.70 -7.56 -5.93
N LEU A 156 -1.59 -7.00 -5.47
CA LEU A 156 -1.25 -7.08 -4.06
C LEU A 156 -1.90 -5.99 -3.23
N VAL A 157 -2.28 -4.88 -3.85
CA VAL A 157 -2.98 -3.82 -3.13
C VAL A 157 -4.47 -4.12 -3.06
N GLN A 158 -5.04 -4.68 -4.12
CA GLN A 158 -6.42 -5.15 -4.07
C GLN A 158 -6.60 -6.35 -3.17
N ALA A 159 -5.56 -7.15 -2.94
CA ALA A 159 -5.69 -8.28 -2.02
C ALA A 159 -5.81 -7.82 -0.58
N CYS A 160 -5.44 -6.58 -0.27
CA CYS A 160 -5.62 -6.04 1.06
C CYS A 160 -7.05 -5.64 1.37
N PHE A 161 -7.93 -5.54 0.37
CA PHE A 161 -9.31 -5.23 0.67
C PHE A 161 -10.34 -5.91 -0.22
N GLN A 162 -9.94 -6.74 -1.18
CA GLN A 162 -10.89 -7.31 -2.13
C GLN A 162 -10.60 -8.79 -2.33
N GLN A 163 -11.58 -9.49 -2.88
CA GLN A 163 -11.56 -10.95 -2.90
C GLN A 163 -12.30 -11.44 -4.13
N TYR A 164 -11.70 -12.36 -4.86
CA TYR A 164 -12.24 -12.82 -6.13
C TYR A 164 -13.25 -13.94 -5.88
N LYS A 165 -14.50 -13.70 -6.25
CA LYS A 165 -15.54 -14.72 -6.21
C LYS A 165 -16.09 -14.91 -7.62
N THR A 166 -16.15 -16.15 -8.07
CA THR A 166 -16.58 -16.44 -9.42
C THR A 166 -17.98 -17.05 -9.40
N LYS A 167 -18.72 -16.88 -10.49
CA LYS A 167 -20.13 -17.23 -10.51
C LYS A 167 -20.47 -17.79 -11.89
N ARG A 168 -21.04 -18.99 -11.89
CA ARG A 168 -21.48 -19.63 -13.12
C ARG A 168 -22.80 -19.05 -13.59
N GLU A 169 -22.91 -18.77 -14.88
CA GLU A 169 -24.09 -18.10 -15.42
C GLU A 169 -24.18 -18.35 -16.91
N GLU A 170 -25.36 -18.04 -17.46
CA GLU A 170 -25.55 -17.99 -18.91
C GLU A 170 -26.62 -16.95 -19.25
N GLU A 201 -23.00 -25.19 -22.06
CA GLU A 201 -23.95 -24.11 -22.32
C GLU A 201 -23.78 -22.96 -21.33
N TYR A 202 -22.93 -23.17 -20.33
CA TYR A 202 -22.67 -22.19 -19.29
C TYR A 202 -21.38 -21.44 -19.58
N LYS A 203 -21.20 -20.31 -18.91
CA LYS A 203 -19.92 -19.62 -18.88
C LYS A 203 -19.69 -19.08 -17.48
N ILE A 204 -18.50 -18.53 -17.26
CA ILE A 204 -18.03 -18.21 -15.92
C ILE A 204 -17.52 -16.78 -15.88
N VAL A 205 -18.06 -15.98 -14.96
CA VAL A 205 -17.64 -14.60 -14.76
C VAL A 205 -17.01 -14.44 -13.38
N GLY A 206 -16.23 -13.38 -13.22
CA GLY A 206 -15.58 -13.09 -11.96
C GLY A 206 -15.83 -11.65 -11.55
N MET A 207 -15.90 -11.42 -10.24
CA MET A 207 -16.53 -10.21 -9.74
C MET A 207 -15.65 -9.29 -8.91
N TYR A 208 -14.72 -9.82 -8.11
CA TYR A 208 -13.94 -9.09 -7.11
C TYR A 208 -14.86 -8.38 -6.10
N SER A 209 -15.55 -9.19 -5.30
CA SER A 209 -16.31 -8.66 -4.18
C SER A 209 -15.37 -8.16 -3.08
N ASP A 210 -15.94 -7.41 -2.15
CA ASP A 210 -15.15 -6.78 -1.10
C ASP A 210 -14.89 -7.76 0.04
N GLY A 211 -14.02 -7.36 0.95
CA GLY A 211 -13.55 -8.20 2.04
C GLY A 211 -12.11 -8.58 1.78
N ILE A 212 -11.31 -8.61 2.85
CA ILE A 212 -9.87 -8.77 2.71
C ILE A 212 -9.54 -10.19 2.22
N ASN A 213 -8.51 -10.30 1.40
CA ASN A 213 -8.02 -11.59 0.92
C ASN A 213 -6.89 -12.02 1.84
N VAL A 214 -7.22 -12.84 2.84
CA VAL A 214 -6.22 -13.29 3.80
C VAL A 214 -5.41 -14.43 3.22
N LEU A 215 -6.02 -15.25 2.35
CA LEU A 215 -5.31 -16.38 1.76
C LEU A 215 -4.21 -15.93 0.80
N GLY A 216 -4.45 -14.85 0.05
CA GLY A 216 -3.45 -14.40 -0.89
C GLY A 216 -2.38 -13.53 -0.30
N LEU A 217 -2.65 -12.91 0.86
CA LEU A 217 -1.62 -12.18 1.58
C LEU A 217 -0.79 -13.10 2.47
N ILE A 218 -1.18 -14.37 2.59
CA ILE A 218 -0.42 -15.33 3.38
C ILE A 218 0.43 -16.23 2.48
N VAL A 219 -0.10 -16.60 1.30
CA VAL A 219 0.68 -17.34 0.33
C VAL A 219 1.81 -16.48 -0.23
N PHE A 220 1.57 -15.19 -0.45
CA PHE A 220 2.64 -14.32 -0.94
C PHE A 220 3.68 -14.07 0.13
N CYS A 221 3.26 -13.84 1.37
CA CYS A 221 4.22 -13.60 2.44
C CYS A 221 4.93 -14.87 2.89
N LEU A 222 4.40 -16.04 2.55
CA LEU A 222 5.14 -17.28 2.74
C LEU A 222 6.20 -17.45 1.66
N VAL A 223 5.91 -17.03 0.43
CA VAL A 223 6.92 -17.07 -0.62
C VAL A 223 7.94 -15.96 -0.42
N PHE A 224 7.47 -14.74 -0.11
CA PHE A 224 8.37 -13.62 0.17
C PHE A 224 9.16 -13.83 1.46
N GLY A 225 8.65 -14.62 2.39
CA GLY A 225 9.41 -14.90 3.59
C GLY A 225 10.49 -15.93 3.39
N LEU A 226 10.28 -16.86 2.46
CA LEU A 226 11.32 -17.84 2.15
C LEU A 226 12.42 -17.23 1.30
N VAL A 227 12.09 -16.29 0.42
CA VAL A 227 13.07 -15.73 -0.50
C VAL A 227 14.07 -14.85 0.24
N ILE A 228 13.58 -14.00 1.15
CA ILE A 228 14.47 -13.09 1.87
C ILE A 228 15.20 -13.79 3.02
N GLY A 229 14.78 -14.98 3.40
CA GLY A 229 15.52 -15.76 4.37
C GLY A 229 16.75 -16.39 3.73
N LYS A 230 16.60 -16.84 2.49
CA LYS A 230 17.67 -17.52 1.78
C LYS A 230 18.59 -16.56 1.02
N MET A 231 18.22 -15.27 0.96
CA MET A 231 19.06 -14.29 0.29
C MET A 231 20.31 -13.97 1.09
N GLY A 232 20.29 -14.19 2.39
CA GLY A 232 21.48 -14.04 3.22
C GLY A 232 21.66 -12.60 3.68
N GLU A 233 22.78 -12.00 3.29
CA GLU A 233 23.10 -10.65 3.74
C GLU A 233 22.50 -9.57 2.86
N LYS A 234 22.17 -9.89 1.61
CA LYS A 234 21.54 -8.89 0.75
C LYS A 234 20.11 -8.61 1.17
N GLY A 235 19.44 -9.59 1.77
CA GLY A 235 18.09 -9.41 2.26
C GLY A 235 18.01 -9.39 3.76
N GLN A 236 18.95 -8.69 4.40
CA GLN A 236 18.93 -8.53 5.84
C GLN A 236 18.20 -7.27 6.28
N ILE A 237 18.16 -6.25 5.43
CA ILE A 237 17.36 -5.07 5.75
C ILE A 237 15.87 -5.37 5.61
N LEU A 238 15.50 -6.33 4.76
CA LEU A 238 14.11 -6.72 4.65
C LEU A 238 13.66 -7.58 5.83
N VAL A 239 14.55 -8.37 6.41
CA VAL A 239 14.20 -9.07 7.64
C VAL A 239 14.17 -8.10 8.81
N ASP A 240 15.08 -7.12 8.81
CA ASP A 240 15.09 -6.13 9.89
C ASP A 240 13.93 -5.16 9.81
N PHE A 241 13.43 -4.87 8.60
CA PHE A 241 12.30 -3.96 8.47
C PHE A 241 11.02 -4.61 8.97
N PHE A 242 10.85 -5.91 8.70
CA PHE A 242 9.63 -6.59 9.09
C PHE A 242 9.72 -7.19 10.49
N ASN A 243 10.91 -7.39 11.04
CA ASN A 243 11.02 -7.72 12.46
C ASN A 243 10.61 -6.54 13.33
N ALA A 244 10.96 -5.33 12.91
CA ALA A 244 10.57 -4.15 13.65
C ALA A 244 9.11 -3.77 13.39
N LEU A 245 8.60 -4.08 12.20
CA LEU A 245 7.20 -3.85 11.91
C LEU A 245 6.32 -4.86 12.64
N SER A 246 6.85 -6.04 12.92
CA SER A 246 6.08 -7.03 13.68
C SER A 246 6.10 -6.74 15.17
N ASP A 247 7.18 -6.17 15.69
CA ASP A 247 7.20 -5.77 17.09
C ASP A 247 6.34 -4.53 17.31
N ALA A 248 6.20 -3.68 16.31
CA ALA A 248 5.44 -2.46 16.44
C ALA A 248 3.94 -2.68 16.29
N THR A 249 3.53 -3.76 15.63
CA THR A 249 2.12 -4.08 15.48
C THR A 249 1.68 -5.21 16.39
N MET A 250 2.51 -5.58 17.37
CA MET A 250 2.07 -6.34 18.53
C MET A 250 2.00 -5.47 19.77
N LYS A 251 2.61 -4.29 19.75
CA LYS A 251 2.44 -3.30 20.80
C LYS A 251 1.25 -2.39 20.55
N ILE A 252 0.68 -2.41 19.35
CA ILE A 252 -0.59 -1.73 19.11
C ILE A 252 -1.77 -2.63 19.46
N VAL A 253 -1.61 -3.95 19.31
CA VAL A 253 -2.64 -4.88 19.77
C VAL A 253 -2.70 -4.91 21.30
N GLN A 254 -1.59 -4.61 21.97
CA GLN A 254 -1.64 -4.48 23.42
C GLN A 254 -2.35 -3.20 23.85
N ILE A 255 -2.33 -2.18 23.00
CA ILE A 255 -3.08 -0.95 23.30
C ILE A 255 -4.57 -1.17 23.06
N ILE A 256 -4.91 -1.95 22.02
CA ILE A 256 -6.31 -2.26 21.71
C ILE A 256 -6.92 -3.12 22.81
N MET A 257 -6.14 -4.06 23.37
CA MET A 257 -6.63 -4.90 24.45
C MET A 257 -6.76 -4.16 25.77
N CYS A 258 -6.29 -2.92 25.88
CA CYS A 258 -6.62 -2.09 27.02
C CYS A 258 -7.99 -1.44 26.87
N TYR A 259 -8.53 -1.40 25.66
CA TYR A 259 -9.89 -0.94 25.40
C TYR A 259 -10.88 -2.09 25.29
N MET A 260 -10.38 -3.28 24.95
CA MET A 260 -11.23 -4.46 24.77
C MET A 260 -12.10 -4.87 25.97
N PRO A 261 -11.75 -4.61 27.24
CA PRO A 261 -12.78 -4.81 28.29
C PRO A 261 -13.98 -3.91 28.16
N LEU A 262 -13.78 -2.65 27.76
CA LEU A 262 -14.90 -1.73 27.61
C LEU A 262 -15.70 -2.07 26.36
N GLY A 263 -15.03 -2.52 25.29
CA GLY A 263 -15.73 -2.80 24.06
C GLY A 263 -16.57 -4.07 24.13
N ILE A 264 -16.11 -5.09 24.85
CA ILE A 264 -16.88 -6.33 24.89
C ILE A 264 -17.99 -6.24 25.93
N LEU A 265 -17.95 -5.21 26.78
CA LEU A 265 -19.07 -4.96 27.68
C LEU A 265 -20.29 -4.51 26.89
N PHE A 266 -20.12 -3.54 25.98
CA PHE A 266 -21.23 -3.09 25.16
C PHE A 266 -21.51 -4.01 23.97
N LEU A 267 -20.62 -4.97 23.70
CA LEU A 267 -20.85 -5.95 22.65
C LEU A 267 -21.70 -7.11 23.15
N ILE A 268 -21.42 -7.59 24.36
CA ILE A 268 -22.26 -8.61 24.98
C ILE A 268 -23.64 -8.05 25.28
N ALA A 269 -23.69 -6.85 25.89
CA ALA A 269 -24.94 -6.23 26.29
C ALA A 269 -25.81 -5.88 25.09
N GLY A 270 -25.21 -5.58 23.95
CA GLY A 270 -25.98 -5.35 22.74
C GLY A 270 -26.55 -6.60 22.12
N LYS A 271 -26.10 -7.79 22.55
CA LYS A 271 -26.63 -9.05 22.06
C LYS A 271 -27.71 -9.63 22.96
N ILE A 272 -27.59 -9.45 24.28
CA ILE A 272 -28.60 -9.95 25.21
C ILE A 272 -29.86 -9.10 25.13
N ILE A 273 -29.72 -7.84 24.71
CA ILE A 273 -30.90 -6.99 24.49
C ILE A 273 -31.73 -7.52 23.34
N GLU A 274 -31.09 -7.80 22.20
CA GLU A 274 -31.82 -8.20 21.01
C GLU A 274 -32.29 -9.65 21.06
N VAL A 275 -31.64 -10.49 21.86
CA VAL A 275 -32.05 -11.88 22.01
C VAL A 275 -33.35 -11.94 22.80
N GLU A 276 -34.35 -12.63 22.25
CA GLU A 276 -35.65 -12.76 22.90
C GLU A 276 -35.95 -14.16 23.41
N ASP A 277 -35.23 -15.17 22.92
CA ASP A 277 -35.43 -16.56 23.32
C ASP A 277 -34.08 -17.17 23.64
N TRP A 278 -34.08 -18.16 24.55
CA TRP A 278 -32.85 -18.78 25.00
C TRP A 278 -32.48 -20.01 24.17
N GLU A 279 -32.81 -20.01 22.89
CA GLU A 279 -32.31 -21.03 21.98
C GLU A 279 -30.82 -20.83 21.70
N ILE A 280 -30.36 -19.57 21.66
CA ILE A 280 -28.95 -19.28 21.41
C ILE A 280 -28.04 -19.70 22.57
N PHE A 281 -28.61 -20.00 23.73
CA PHE A 281 -27.84 -20.61 24.82
C PHE A 281 -27.81 -22.11 24.74
N ARG A 282 -28.52 -22.71 23.79
CA ARG A 282 -28.39 -24.12 23.47
C ARG A 282 -27.44 -24.36 22.30
N LYS A 283 -27.46 -23.48 21.30
CA LYS A 283 -26.48 -23.53 20.22
C LYS A 283 -25.08 -23.17 20.71
N LEU A 284 -24.97 -22.41 21.80
CA LEU A 284 -23.70 -22.17 22.44
C LEU A 284 -23.27 -23.32 23.35
N GLY A 285 -24.14 -24.30 23.56
CA GLY A 285 -23.77 -25.48 24.31
C GLY A 285 -23.37 -26.61 23.39
N LEU A 286 -23.94 -26.61 22.18
CA LEU A 286 -23.51 -27.54 21.15
C LEU A 286 -22.24 -27.07 20.44
N TYR A 287 -21.84 -25.82 20.63
CA TYR A 287 -20.56 -25.37 20.11
C TYR A 287 -19.42 -25.82 21.01
N MET A 288 -19.60 -25.73 22.33
CA MET A 288 -18.59 -26.24 23.25
C MET A 288 -18.53 -27.75 23.27
N ALA A 289 -19.55 -28.44 22.78
CA ALA A 289 -19.52 -29.89 22.65
C ALA A 289 -19.01 -30.36 21.29
N THR A 290 -18.67 -29.43 20.41
CA THR A 290 -17.97 -29.75 19.17
C THR A 290 -16.49 -29.41 19.25
N VAL A 291 -16.13 -28.40 20.02
CA VAL A 291 -14.72 -28.08 20.22
C VAL A 291 -14.09 -29.05 21.22
N LEU A 292 -14.78 -29.34 22.32
CA LEU A 292 -14.27 -30.30 23.29
C LEU A 292 -14.44 -31.74 22.85
N THR A 293 -15.07 -31.99 21.70
CA THR A 293 -15.05 -33.31 21.08
C THR A 293 -14.00 -33.40 19.99
N GLY A 294 -13.74 -32.30 19.28
CA GLY A 294 -12.62 -32.27 18.36
C GLY A 294 -11.28 -32.32 19.07
N LEU A 295 -11.18 -31.68 20.23
CA LEU A 295 -9.98 -31.68 21.05
C LEU A 295 -9.99 -32.79 22.08
N ALA A 296 -10.74 -33.87 21.84
CA ALA A 296 -10.65 -35.06 22.66
C ALA A 296 -10.60 -36.33 21.83
N ILE A 297 -10.82 -36.25 20.52
CA ILE A 297 -10.44 -37.33 19.63
C ILE A 297 -8.99 -37.14 19.17
N HIS A 298 -8.54 -35.89 19.11
CA HIS A 298 -7.15 -35.60 18.78
C HIS A 298 -6.18 -35.98 19.90
N SER A 299 -6.51 -35.66 21.14
CA SER A 299 -5.59 -35.98 22.23
C SER A 299 -5.64 -37.43 22.69
N ILE A 300 -6.70 -38.16 22.39
CA ILE A 300 -6.87 -39.52 22.89
C ILE A 300 -6.74 -40.55 21.78
N VAL A 301 -7.32 -40.30 20.62
CA VAL A 301 -7.47 -41.30 19.57
C VAL A 301 -6.54 -41.03 18.38
N ILE A 302 -6.47 -39.78 17.93
CA ILE A 302 -5.72 -39.48 16.70
C ILE A 302 -4.22 -39.43 16.97
N LEU A 303 -3.78 -38.57 17.90
CA LEU A 303 -2.35 -38.38 18.13
C LEU A 303 -1.65 -39.52 18.87
N PRO A 304 -2.26 -40.21 19.87
CA PRO A 304 -1.62 -41.44 20.35
C PRO A 304 -1.60 -42.57 19.35
N LEU A 305 -2.39 -42.52 18.28
CA LEU A 305 -2.26 -43.54 17.25
C LEU A 305 -1.07 -43.26 16.35
N ILE A 306 -0.86 -42.00 15.99
CA ILE A 306 0.22 -41.60 15.09
C ILE A 306 1.58 -41.87 15.74
N TYR A 307 1.67 -41.71 17.05
CA TYR A 307 2.87 -42.10 17.79
C TYR A 307 3.04 -43.61 17.75
N PHE A 308 1.98 -44.38 18.02
CA PHE A 308 2.09 -45.82 18.11
C PHE A 308 2.25 -46.50 16.75
N ILE A 309 1.96 -45.80 15.65
CA ILE A 309 2.19 -46.39 14.33
C ILE A 309 3.68 -46.50 14.05
N VAL A 310 4.44 -45.44 14.33
CA VAL A 310 5.86 -45.41 13.98
C VAL A 310 6.76 -45.70 15.18
N VAL A 311 6.31 -45.37 16.40
CA VAL A 311 7.11 -45.50 17.61
C VAL A 311 6.36 -46.43 18.56
N ARG A 312 6.77 -47.70 18.62
CA ARG A 312 6.03 -48.72 19.36
C ARG A 312 6.40 -48.69 20.85
N LYS A 313 6.04 -47.60 21.52
CA LYS A 313 6.42 -47.46 22.93
C LYS A 313 5.32 -46.84 23.80
N ASN A 314 4.07 -47.31 23.66
CA ASN A 314 2.95 -47.05 24.58
C ASN A 314 2.65 -45.57 24.84
N PRO A 315 1.91 -44.90 23.94
CA PRO A 315 1.74 -43.43 24.01
C PRO A 315 1.13 -42.89 25.30
N PHE A 316 0.38 -43.69 26.05
CA PHE A 316 -0.18 -43.22 27.32
C PHE A 316 0.86 -43.15 28.43
N ARG A 317 2.05 -43.72 28.22
CA ARG A 317 3.18 -43.48 29.11
C ARG A 317 3.92 -42.20 28.75
N PHE A 318 3.88 -41.82 27.47
CA PHE A 318 4.51 -40.57 27.03
C PHE A 318 3.79 -39.36 27.60
N ALA A 319 2.46 -39.39 27.65
CA ALA A 319 1.70 -38.24 28.15
C ALA A 319 1.81 -38.10 29.66
N MET A 320 1.98 -39.22 30.38
CA MET A 320 2.20 -39.14 31.82
C MET A 320 3.58 -38.57 32.16
N GLY A 321 4.55 -38.71 31.26
CA GLY A 321 5.83 -38.06 31.43
C GLY A 321 5.79 -36.56 31.15
N MET A 322 4.76 -36.10 30.44
CA MET A 322 4.56 -34.69 30.14
C MET A 322 3.46 -34.06 31.00
N ALA A 323 3.04 -34.73 32.07
CA ALA A 323 1.91 -34.29 32.88
C ALA A 323 2.19 -33.00 33.64
N GLN A 324 3.47 -32.63 33.83
CA GLN A 324 3.75 -31.34 34.45
C GLN A 324 3.50 -30.20 33.48
N ALA A 325 3.75 -30.41 32.19
CA ALA A 325 3.55 -29.37 31.19
C ALA A 325 2.15 -29.37 30.60
N LEU A 326 1.43 -30.50 30.69
CA LEU A 326 0.01 -30.48 30.33
C LEU A 326 -0.79 -29.71 31.35
N LEU A 327 -0.49 -29.88 32.63
CA LEU A 327 -1.20 -29.20 33.70
C LEU A 327 -0.82 -27.72 33.76
N THR A 328 0.36 -27.38 33.26
CA THR A 328 0.78 -25.98 33.20
C THR A 328 0.08 -25.25 32.06
N ALA A 329 -0.25 -25.97 30.99
CA ALA A 329 -0.93 -25.36 29.85
C ALA A 329 -2.39 -25.06 30.16
N LEU A 330 -2.97 -25.77 31.12
CA LEU A 330 -4.32 -25.48 31.59
C LEU A 330 -4.39 -24.22 32.46
N MET A 331 -3.24 -23.68 32.88
CA MET A 331 -3.23 -22.50 33.73
C MET A 331 -2.82 -21.22 33.01
N ILE A 332 -2.09 -21.33 31.89
CA ILE A 332 -1.59 -20.17 31.17
C ILE A 332 -2.32 -19.95 29.85
N SER A 333 -2.67 -21.03 29.15
CA SER A 333 -3.24 -21.03 27.79
C SER A 333 -2.38 -20.23 26.83
N SER A 334 -1.09 -20.55 26.81
CA SER A 334 -0.16 -19.98 25.85
C SER A 334 0.96 -20.99 25.64
N SER A 335 1.19 -21.38 24.38
CA SER A 335 2.16 -22.42 24.10
C SER A 335 3.59 -21.91 24.25
N SER A 336 3.83 -20.66 23.86
CA SER A 336 5.16 -20.07 23.98
C SER A 336 5.47 -19.59 25.38
N ALA A 337 4.50 -19.61 26.28
CA ALA A 337 4.77 -19.29 27.69
C ALA A 337 5.16 -20.52 28.48
N THR A 338 4.57 -21.67 28.19
CA THR A 338 4.99 -22.94 28.77
C THR A 338 6.03 -23.65 27.91
N LEU A 339 6.52 -23.00 26.86
CA LEU A 339 7.63 -23.55 26.09
C LEU A 339 8.92 -23.75 26.90
N PRO A 340 9.29 -22.93 27.89
CA PRO A 340 10.37 -23.36 28.80
C PRO A 340 10.01 -24.58 29.64
N VAL A 341 8.73 -24.82 29.91
CA VAL A 341 8.37 -25.95 30.76
C VAL A 341 8.37 -27.26 29.97
N THR A 342 7.84 -27.25 28.75
CA THR A 342 7.78 -28.48 27.94
C THR A 342 9.15 -28.89 27.43
N PHE A 343 10.13 -27.99 27.46
CA PHE A 343 11.52 -28.38 27.29
C PHE A 343 12.05 -29.15 28.49
N ARG A 344 11.67 -28.71 29.69
CA ARG A 344 12.21 -29.32 30.91
C ARG A 344 11.58 -30.65 31.23
N CYS A 345 10.34 -30.89 30.78
CA CYS A 345 9.69 -32.18 31.04
C CYS A 345 9.98 -33.21 29.96
N ALA A 346 10.33 -32.78 28.74
CA ALA A 346 10.58 -33.74 27.67
C ALA A 346 11.92 -34.46 27.87
N GLU A 347 12.96 -33.72 28.23
CA GLU A 347 14.29 -34.31 28.28
C GLU A 347 14.52 -35.15 29.53
N GLU A 348 13.98 -34.71 30.67
CA GLU A 348 14.30 -35.38 31.93
C GLU A 348 13.45 -36.63 32.15
N ASN A 349 12.16 -36.55 31.84
CA ASN A 349 11.24 -37.64 32.13
C ASN A 349 11.19 -38.68 31.01
N ASN A 350 11.20 -38.22 29.77
CA ASN A 350 11.07 -39.11 28.62
C ASN A 350 12.41 -39.53 28.03
N GLN A 351 13.51 -38.94 28.52
CA GLN A 351 14.89 -39.25 28.14
C GLN A 351 15.13 -39.08 26.64
N VAL A 352 14.95 -37.85 26.17
CA VAL A 352 15.19 -37.46 24.78
C VAL A 352 16.34 -36.46 24.74
N ASP A 353 17.21 -36.60 23.75
CA ASP A 353 18.37 -35.71 23.66
C ASP A 353 17.96 -34.32 23.20
N LYS A 354 18.79 -33.34 23.55
CA LYS A 354 18.46 -31.94 23.32
C LYS A 354 18.67 -31.49 21.89
N ARG A 355 19.29 -32.31 21.04
CA ARG A 355 19.57 -31.89 19.68
C ARG A 355 18.34 -31.98 18.78
N ILE A 356 17.32 -32.71 19.19
CA ILE A 356 16.09 -32.81 18.42
C ILE A 356 14.91 -32.08 19.07
N THR A 357 14.98 -31.78 20.36
CA THR A 357 13.92 -30.97 20.97
C THR A 357 14.08 -29.49 20.61
N ARG A 358 15.31 -29.02 20.50
CA ARG A 358 15.57 -27.64 20.07
C ARG A 358 15.35 -27.42 18.58
N PHE A 359 15.06 -28.48 17.81
CA PHE A 359 14.86 -28.37 16.37
C PHE A 359 13.42 -28.53 15.94
N VAL A 360 12.55 -29.08 16.80
CA VAL A 360 11.15 -29.29 16.46
C VAL A 360 10.20 -28.41 17.28
N LEU A 361 10.62 -27.94 18.44
CA LEU A 361 9.80 -27.05 19.26
C LEU A 361 9.77 -25.59 18.78
N PRO A 362 10.84 -24.99 18.21
CA PRO A 362 10.64 -23.67 17.57
C PRO A 362 9.88 -23.70 16.26
N VAL A 363 9.87 -24.81 15.53
CA VAL A 363 9.02 -24.90 14.35
C VAL A 363 7.61 -25.34 14.77
N GLY A 364 7.47 -25.94 15.96
CA GLY A 364 6.18 -26.29 16.51
C GLY A 364 5.44 -25.19 17.21
N ALA A 365 5.93 -23.95 17.14
CA ALA A 365 5.20 -22.79 17.62
C ALA A 365 4.82 -21.87 16.46
N THR A 366 4.99 -22.34 15.23
CA THR A 366 4.65 -21.56 14.05
C THR A 366 3.77 -22.42 13.14
N ILE A 367 4.00 -23.72 13.16
CA ILE A 367 3.40 -24.62 12.19
C ILE A 367 2.34 -25.53 12.83
N ASN A 368 2.33 -25.67 14.16
CA ASN A 368 1.39 -26.55 14.83
C ASN A 368 -0.03 -25.99 14.81
N MET A 369 -0.75 -26.27 13.73
CA MET A 369 -2.14 -25.85 13.57
C MET A 369 -3.12 -26.98 13.84
N ASP A 370 -2.78 -27.92 14.72
CA ASP A 370 -3.74 -28.96 15.05
C ASP A 370 -4.87 -28.41 15.89
N GLY A 371 -4.56 -27.52 16.83
CA GLY A 371 -5.59 -26.98 17.71
C GLY A 371 -6.47 -25.92 17.08
N THR A 372 -5.98 -25.22 16.06
CA THR A 372 -6.76 -24.16 15.43
C THR A 372 -7.89 -24.75 14.59
N ALA A 373 -7.61 -25.81 13.83
CA ALA A 373 -8.60 -26.41 12.95
C ALA A 373 -9.72 -27.10 13.69
N LEU A 374 -9.52 -27.41 14.97
CA LEU A 374 -10.56 -27.97 15.82
C LEU A 374 -11.23 -26.94 16.72
N TYR A 375 -10.68 -25.72 16.81
CA TYR A 375 -11.32 -24.68 17.62
C TYR A 375 -11.74 -23.46 16.83
N GLU A 376 -10.82 -22.83 16.09
CA GLU A 376 -11.19 -21.64 15.34
C GLU A 376 -11.76 -21.92 13.97
N ALA A 377 -11.69 -23.16 13.49
CA ALA A 377 -12.34 -23.52 12.24
C ALA A 377 -13.62 -24.31 12.48
N VAL A 378 -13.96 -24.57 13.73
CA VAL A 378 -15.29 -25.01 14.12
C VAL A 378 -16.12 -23.82 14.59
N ALA A 379 -15.47 -22.84 15.20
CA ALA A 379 -16.15 -21.60 15.55
C ALA A 379 -16.58 -20.81 14.33
N ALA A 380 -15.72 -20.73 13.31
CA ALA A 380 -16.06 -19.93 12.13
C ALA A 380 -17.11 -20.60 11.24
N VAL A 381 -17.29 -21.91 11.37
CA VAL A 381 -18.43 -22.57 10.70
C VAL A 381 -19.68 -22.46 11.54
N PHE A 382 -19.54 -22.46 12.88
CA PHE A 382 -20.69 -22.28 13.76
C PHE A 382 -21.29 -20.89 13.63
N ILE A 383 -20.46 -19.86 13.41
CA ILE A 383 -20.96 -18.52 13.15
C ILE A 383 -21.67 -18.48 11.81
N ALA A 384 -21.13 -19.18 10.80
CA ALA A 384 -21.78 -19.21 9.49
C ALA A 384 -23.07 -20.00 9.52
N GLN A 385 -23.15 -21.05 10.34
CA GLN A 385 -24.40 -21.77 10.49
C GLN A 385 -25.42 -20.96 11.28
N LEU A 386 -24.94 -20.06 12.14
CA LEU A 386 -25.82 -19.23 12.96
C LEU A 386 -26.60 -18.23 12.12
N ASN A 387 -26.03 -17.76 11.01
CA ASN A 387 -26.69 -16.81 10.12
C ASN A 387 -27.52 -17.50 9.06
N ASP A 388 -27.92 -18.76 9.29
CA ASP A 388 -28.80 -19.55 8.43
C ASP A 388 -28.23 -19.72 7.02
N LEU A 389 -26.92 -19.85 6.93
CA LEU A 389 -26.28 -20.21 5.67
C LEU A 389 -26.27 -21.72 5.51
N ASP A 390 -26.42 -22.18 4.27
CA ASP A 390 -26.36 -23.60 3.98
C ASP A 390 -24.93 -24.06 3.67
N LEU A 391 -24.15 -23.21 3.00
CA LEU A 391 -22.70 -23.27 2.86
C LEU A 391 -22.19 -24.38 1.94
N GLY A 392 -23.06 -25.30 1.54
CA GLY A 392 -22.63 -26.45 0.76
C GLY A 392 -21.60 -27.29 1.50
N ILE A 393 -20.57 -27.70 0.77
CA ILE A 393 -19.42 -28.39 1.35
C ILE A 393 -18.17 -27.74 0.78
N GLY A 394 -18.35 -26.81 -0.15
CA GLY A 394 -17.23 -26.15 -0.79
C GLY A 394 -16.85 -24.85 -0.12
N GLN A 395 -17.81 -24.21 0.54
CA GLN A 395 -17.53 -23.02 1.33
C GLN A 395 -17.21 -23.35 2.78
N ILE A 396 -17.31 -24.62 3.17
CA ILE A 396 -16.83 -25.04 4.48
C ILE A 396 -15.34 -25.31 4.44
N ILE A 397 -14.86 -25.94 3.36
CA ILE A 397 -13.43 -26.11 3.14
C ILE A 397 -12.76 -24.77 2.88
N THR A 398 -13.49 -23.80 2.33
CA THR A 398 -12.97 -22.44 2.17
C THR A 398 -12.75 -21.78 3.53
N ILE A 399 -13.64 -22.03 4.48
CA ILE A 399 -13.53 -21.41 5.80
C ILE A 399 -12.43 -22.07 6.61
N SER A 400 -12.40 -23.40 6.65
CA SER A 400 -11.45 -24.13 7.48
C SER A 400 -10.04 -24.12 6.92
N ILE A 401 -9.84 -23.67 5.69
CA ILE A 401 -8.48 -23.43 5.19
C ILE A 401 -8.09 -21.98 5.44
N THR A 402 -9.05 -21.06 5.37
CA THR A 402 -8.77 -19.68 5.76
C THR A 402 -8.57 -19.53 7.26
N ALA A 403 -9.30 -20.31 8.07
CA ALA A 403 -9.12 -20.23 9.52
C ALA A 403 -7.83 -20.89 9.98
N THR A 404 -7.41 -21.94 9.29
CA THR A 404 -6.15 -22.60 9.63
C THR A 404 -4.96 -21.77 9.17
N SER A 405 -5.09 -21.06 8.06
CA SER A 405 -3.99 -20.22 7.57
C SER A 405 -3.85 -18.94 8.39
N ALA A 406 -4.96 -18.34 8.81
CA ALA A 406 -4.93 -17.09 9.56
C ALA A 406 -4.35 -17.21 10.95
N SER A 407 -4.22 -18.42 11.48
CA SER A 407 -3.57 -18.58 12.78
C SER A 407 -2.04 -18.64 12.68
N ILE A 408 -1.47 -18.73 11.48
CA ILE A 408 -0.05 -18.53 11.36
C ILE A 408 0.26 -17.03 11.38
N GLY A 409 -0.66 -16.23 10.83
CA GLY A 409 -0.48 -14.78 10.87
C GLY A 409 -0.67 -14.22 12.26
N ALA A 410 -1.69 -14.67 12.98
CA ALA A 410 -1.86 -14.29 14.38
C ALA A 410 -1.03 -15.24 15.25
N ALA A 411 0.29 -15.07 15.16
CA ALA A 411 1.22 -16.07 15.65
C ALA A 411 1.41 -15.99 17.16
N GLY A 412 1.94 -14.87 17.65
CA GLY A 412 2.22 -14.74 19.07
C GLY A 412 1.49 -13.59 19.72
N VAL A 413 0.31 -13.30 19.18
CA VAL A 413 -0.55 -12.20 19.64
C VAL A 413 -0.99 -12.48 21.08
N PRO A 414 -1.12 -11.43 21.94
CA PRO A 414 -1.60 -11.64 23.32
C PRO A 414 -2.96 -12.33 23.43
N GLN A 415 -4.00 -11.73 22.85
CA GLN A 415 -5.31 -12.35 22.83
C GLN A 415 -5.53 -13.02 21.47
N ALA A 416 -4.73 -14.07 21.23
CA ALA A 416 -4.65 -14.68 19.91
C ALA A 416 -5.88 -15.51 19.54
N GLY A 417 -6.83 -15.70 20.44
CA GLY A 417 -8.07 -16.37 20.10
C GLY A 417 -9.10 -15.38 19.57
N LEU A 418 -9.10 -14.18 20.13
CA LEU A 418 -10.00 -13.14 19.66
C LEU A 418 -9.54 -12.54 18.34
N VAL A 419 -8.23 -12.32 18.18
CA VAL A 419 -7.72 -11.68 16.97
C VAL A 419 -7.82 -12.60 15.77
N THR A 420 -7.55 -13.90 15.96
CA THR A 420 -7.60 -14.86 14.86
C THR A 420 -9.02 -14.99 14.31
N MET A 421 -10.01 -14.93 15.21
CA MET A 421 -11.40 -15.05 14.78
C MET A 421 -11.86 -13.82 14.01
N VAL A 422 -11.32 -12.64 14.31
CA VAL A 422 -11.69 -11.46 13.55
C VAL A 422 -11.07 -11.50 12.16
N ILE A 423 -9.95 -12.21 11.99
CA ILE A 423 -9.34 -12.36 10.67
C ILE A 423 -10.20 -13.25 9.78
N VAL A 424 -10.64 -14.39 10.31
CA VAL A 424 -11.37 -15.35 9.50
C VAL A 424 -12.79 -14.88 9.22
N LEU A 425 -13.46 -14.26 10.21
CA LEU A 425 -14.81 -13.77 9.98
C LEU A 425 -14.83 -12.62 8.98
N SER A 426 -13.78 -11.81 8.93
CA SER A 426 -13.69 -10.76 7.92
C SER A 426 -13.26 -11.31 6.57
N ALA A 427 -12.52 -12.42 6.55
CA ALA A 427 -12.08 -12.99 5.29
C ALA A 427 -13.21 -13.71 4.57
N VAL A 428 -13.86 -14.67 5.24
CA VAL A 428 -14.86 -15.50 4.58
C VAL A 428 -16.21 -14.82 4.44
N GLY A 429 -16.35 -13.58 4.87
CA GLY A 429 -17.54 -12.81 4.59
C GLY A 429 -18.64 -13.01 5.60
N LEU A 430 -18.29 -12.93 6.87
CA LEU A 430 -19.20 -13.11 7.99
C LEU A 430 -19.16 -11.88 8.89
N PRO A 431 -20.20 -11.65 9.70
CA PRO A 431 -20.15 -10.51 10.63
C PRO A 431 -19.13 -10.75 11.73
N ALA A 432 -18.12 -9.89 11.79
CA ALA A 432 -17.09 -9.99 12.81
C ALA A 432 -17.62 -9.66 14.20
N GLU A 433 -18.76 -8.99 14.30
CA GLU A 433 -19.38 -8.70 15.59
C GLU A 433 -20.07 -9.90 16.20
N ASP A 434 -20.13 -11.03 15.49
CA ASP A 434 -20.61 -12.29 16.03
C ASP A 434 -19.54 -13.05 16.80
N VAL A 435 -18.35 -12.48 16.95
CA VAL A 435 -17.31 -13.09 17.76
C VAL A 435 -17.63 -13.03 19.25
N THR A 436 -18.58 -12.18 19.65
CA THR A 436 -18.89 -12.03 21.06
C THR A 436 -19.64 -13.23 21.63
N LEU A 437 -20.20 -14.09 20.77
CA LEU A 437 -20.65 -15.40 21.24
C LEU A 437 -19.48 -16.30 21.60
N ILE A 438 -18.35 -16.12 20.92
CA ILE A 438 -17.21 -17.01 21.08
C ILE A 438 -16.32 -16.59 22.26
N ILE A 439 -16.15 -15.28 22.48
CA ILE A 439 -15.29 -14.79 23.55
C ILE A 439 -15.97 -14.87 24.92
N ALA A 440 -17.27 -15.20 24.94
CA ALA A 440 -17.95 -15.50 26.19
C ALA A 440 -17.40 -16.77 26.83
N VAL A 441 -16.89 -17.71 26.02
CA VAL A 441 -16.46 -19.01 26.54
C VAL A 441 -15.08 -19.33 25.94
N ASP A 442 -14.41 -18.32 25.39
CA ASP A 442 -13.07 -18.51 24.83
C ASP A 442 -12.06 -18.85 25.91
N TRP A 443 -12.26 -18.33 27.14
CA TRP A 443 -11.34 -18.60 28.23
C TRP A 443 -11.46 -20.02 28.76
N LEU A 444 -12.48 -20.78 28.35
CA LEU A 444 -12.57 -22.19 28.71
C LEU A 444 -11.91 -23.05 27.65
N LEU A 445 -12.09 -22.71 26.37
CA LEU A 445 -11.65 -23.54 25.27
C LEU A 445 -10.21 -23.27 24.83
N ASP A 446 -9.67 -22.08 25.10
CA ASP A 446 -8.29 -21.80 24.76
C ASP A 446 -7.32 -22.47 25.72
N ARG A 447 -7.77 -22.81 26.93
CA ARG A 447 -6.96 -23.60 27.83
C ARG A 447 -6.81 -25.03 27.31
N PHE A 448 -7.90 -25.61 26.85
CA PHE A 448 -7.87 -26.96 26.32
C PHE A 448 -7.31 -27.06 24.92
N ARG A 449 -7.29 -25.97 24.15
CA ARG A 449 -6.62 -26.03 22.85
C ARG A 449 -5.11 -26.15 23.00
N THR A 450 -4.53 -25.37 23.91
CA THR A 450 -3.08 -25.40 24.11
C THR A 450 -2.63 -26.60 24.91
N MET A 451 -3.54 -27.34 25.54
CA MET A 451 -3.16 -28.64 26.05
C MET A 451 -2.97 -29.64 24.92
N VAL A 452 -3.67 -29.45 23.81
CA VAL A 452 -3.45 -30.29 22.63
C VAL A 452 -2.21 -29.85 21.88
N ASN A 453 -1.94 -28.55 21.86
CA ASN A 453 -0.71 -28.05 21.23
C ASN A 453 0.53 -28.44 22.02
N VAL A 454 0.42 -28.58 23.34
CA VAL A 454 1.56 -29.05 24.12
C VAL A 454 1.71 -30.56 24.00
N LEU A 455 0.59 -31.29 23.98
CA LEU A 455 0.64 -32.72 23.76
C LEU A 455 1.00 -33.06 22.32
N GLY A 456 0.57 -32.24 21.36
CA GLY A 456 0.94 -32.47 19.98
C GLY A 456 2.40 -32.19 19.71
N ASP A 457 2.99 -31.24 20.43
CA ASP A 457 4.41 -30.96 20.28
C ASP A 457 5.27 -31.98 21.01
N ALA A 458 4.77 -32.54 22.11
CA ALA A 458 5.52 -33.53 22.85
C ALA A 458 5.60 -34.85 22.09
N PHE A 459 4.51 -35.24 21.43
CA PHE A 459 4.56 -36.37 20.51
C PHE A 459 5.36 -36.05 19.26
N GLY A 460 5.54 -34.76 18.93
CA GLY A 460 6.45 -34.36 17.89
C GLY A 460 7.91 -34.31 18.29
N THR A 461 8.21 -34.57 19.56
CA THR A 461 9.58 -34.78 20.00
C THR A 461 9.93 -36.27 19.95
N GLY A 462 9.06 -37.12 20.49
CA GLY A 462 9.31 -38.54 20.48
C GLY A 462 9.07 -39.24 19.17
N ILE A 463 8.74 -38.54 18.09
CA ILE A 463 8.54 -39.17 16.79
C ILE A 463 9.81 -38.99 15.95
N VAL A 464 10.51 -37.86 16.13
CA VAL A 464 11.66 -37.56 15.30
C VAL A 464 12.95 -38.14 15.87
N GLU A 465 12.86 -38.86 16.97
CA GLU A 465 13.96 -39.76 17.32
C GLU A 465 13.92 -41.03 16.49
N LYS A 466 12.74 -41.43 16.00
CA LYS A 466 12.61 -42.72 15.30
C LYS A 466 12.86 -42.62 13.79
N LEU A 467 12.45 -41.54 13.14
CA LEU A 467 12.82 -41.38 11.74
C LEU A 467 14.22 -40.80 11.57
N SER A 468 14.77 -40.19 12.61
CA SER A 468 16.13 -39.63 12.58
C SER A 468 16.92 -40.34 13.66
N LYS A 469 17.62 -41.39 13.26
CA LYS A 469 18.54 -42.14 14.12
C LYS A 469 19.91 -42.26 13.48
N LYS A 470 19.99 -42.44 12.17
CA LYS A 470 21.26 -42.43 11.46
C LYS A 470 21.71 -41.03 11.08
N GLU A 471 20.82 -40.04 11.22
CA GLU A 471 21.16 -38.66 10.90
C GLU A 471 21.89 -37.97 12.05
N LEU A 472 21.75 -38.47 13.27
CA LEU A 472 22.33 -37.79 14.43
C LEU A 472 23.84 -37.95 14.52
N GLU A 473 24.45 -38.81 13.71
CA GLU A 473 25.90 -38.95 13.68
C GLU A 473 26.47 -38.43 12.37
N ASN B 20 12.60 37.25 -1.88
CA ASN B 20 12.45 35.80 -1.81
C ASN B 20 11.86 35.31 -3.13
N TRP B 21 12.17 34.06 -3.51
CA TRP B 21 11.75 33.57 -4.81
C TRP B 21 10.32 33.05 -4.77
N VAL B 22 10.00 32.20 -3.79
CA VAL B 22 8.71 31.51 -3.80
C VAL B 22 7.57 32.48 -3.48
N LEU B 23 7.86 33.64 -2.85
CA LEU B 23 6.83 34.64 -2.66
C LEU B 23 6.67 35.53 -3.89
N LEU B 24 7.78 36.03 -4.42
CA LEU B 24 7.75 36.91 -5.56
C LEU B 24 7.15 36.27 -6.80
N SER B 25 7.46 35.00 -7.01
CA SER B 25 6.97 34.31 -8.19
C SER B 25 5.48 34.00 -8.08
N THR B 26 4.98 33.78 -6.86
CA THR B 26 3.57 33.48 -6.68
C THR B 26 2.71 34.73 -6.81
N VAL B 27 3.22 35.88 -6.34
CA VAL B 27 2.51 37.13 -6.54
C VAL B 27 2.54 37.52 -8.01
N ALA B 28 3.66 37.26 -8.69
CA ALA B 28 3.75 37.57 -10.11
C ALA B 28 2.98 36.59 -10.99
N ALA B 29 2.47 35.50 -10.42
CA ALA B 29 1.58 34.59 -11.15
C ALA B 29 0.12 34.81 -10.81
N VAL B 30 -0.17 35.49 -9.70
CA VAL B 30 -1.53 35.94 -9.42
C VAL B 30 -1.84 37.19 -10.23
N VAL B 31 -0.86 38.08 -10.40
CA VAL B 31 -1.06 39.29 -11.18
C VAL B 31 -1.21 38.97 -12.66
N LEU B 32 -0.32 38.13 -13.20
CA LEU B 32 -0.47 37.72 -14.59
C LEU B 32 -1.60 36.74 -14.80
N GLY B 33 -2.15 36.16 -13.74
CA GLY B 33 -3.30 35.28 -13.86
C GLY B 33 -4.57 36.07 -14.05
N ILE B 34 -4.66 37.21 -13.37
CA ILE B 34 -5.80 38.09 -13.57
C ILE B 34 -5.62 38.91 -14.85
N THR B 35 -4.38 39.18 -15.24
CA THR B 35 -4.11 39.89 -16.49
C THR B 35 -4.48 39.04 -17.71
N THR B 36 -4.12 37.76 -17.69
CA THR B 36 -4.57 36.84 -18.73
C THR B 36 -6.07 36.58 -18.61
N GLY B 37 -6.61 36.63 -17.39
CA GLY B 37 -7.99 36.26 -17.16
C GLY B 37 -9.01 37.24 -17.70
N VAL B 38 -8.69 38.54 -17.71
CA VAL B 38 -9.64 39.52 -18.24
C VAL B 38 -9.33 39.88 -19.69
N LEU B 39 -8.17 39.48 -20.20
CA LEU B 39 -7.86 39.65 -21.61
C LEU B 39 -8.28 38.45 -22.45
N VAL B 40 -9.08 37.54 -21.90
CA VAL B 40 -9.69 36.46 -22.64
C VAL B 40 -11.20 36.53 -22.61
N ARG B 41 -11.79 36.84 -21.45
CA ARG B 41 -13.23 36.93 -21.35
C ARG B 41 -13.78 38.23 -21.94
N GLU B 42 -12.98 39.30 -21.95
CA GLU B 42 -13.41 40.58 -22.51
C GLU B 42 -12.73 40.89 -23.84
N HIS B 43 -12.07 39.90 -24.42
CA HIS B 43 -11.37 40.08 -25.69
C HIS B 43 -11.60 38.93 -26.66
N SER B 44 -12.26 37.86 -26.24
CA SER B 44 -12.52 36.70 -27.09
C SER B 44 -13.76 35.99 -26.55
N ASN B 45 -13.98 34.76 -27.02
CA ASN B 45 -15.13 33.98 -26.56
C ASN B 45 -14.77 32.51 -26.73
N LEU B 46 -14.66 31.80 -25.62
CA LEU B 46 -14.34 30.39 -25.61
C LEU B 46 -15.58 29.56 -25.33
N SER B 47 -15.57 28.31 -25.79
CA SER B 47 -16.67 27.39 -25.57
C SER B 47 -16.60 26.82 -24.16
N THR B 48 -17.55 25.95 -23.84
CA THR B 48 -17.50 25.25 -22.55
C THR B 48 -16.39 24.20 -22.55
N LEU B 49 -15.98 23.74 -23.74
CA LEU B 49 -14.87 22.80 -23.83
C LEU B 49 -13.52 23.50 -23.82
N GLU B 50 -13.42 24.65 -24.47
CA GLU B 50 -12.14 25.36 -24.53
C GLU B 50 -11.84 26.15 -23.26
N LYS B 51 -12.79 26.26 -22.34
CA LYS B 51 -12.51 26.74 -20.99
C LYS B 51 -12.12 25.61 -20.05
N PHE B 52 -12.16 24.37 -20.52
CA PHE B 52 -11.62 23.24 -19.81
C PHE B 52 -10.20 22.90 -20.24
N TYR B 53 -9.87 23.10 -21.51
CA TYR B 53 -8.51 22.91 -21.98
C TYR B 53 -7.63 24.09 -21.67
N PHE B 54 -8.20 25.24 -21.33
CA PHE B 54 -7.41 26.40 -20.95
C PHE B 54 -6.94 26.29 -19.50
N ALA B 55 -7.68 25.57 -18.67
CA ALA B 55 -7.30 25.34 -17.27
C ALA B 55 -6.69 23.97 -17.06
N PHE B 56 -6.07 23.40 -18.10
CA PHE B 56 -5.39 22.12 -17.96
C PHE B 56 -4.01 22.19 -17.29
N PRO B 57 -3.14 23.21 -17.53
CA PRO B 57 -1.91 23.28 -16.72
C PRO B 57 -2.15 23.52 -15.24
N GLY B 58 -3.29 24.07 -14.85
CA GLY B 58 -3.66 24.15 -13.46
C GLY B 58 -4.38 22.92 -12.95
N GLU B 59 -4.87 22.10 -13.87
CA GLU B 59 -5.41 20.80 -13.46
C GLU B 59 -4.31 19.84 -13.06
N ILE B 60 -3.21 19.84 -13.82
CA ILE B 60 -2.08 18.96 -13.56
C ILE B 60 -1.39 19.31 -12.25
N LEU B 61 -1.42 20.60 -11.87
CA LEU B 61 -0.89 20.99 -10.56
C LEU B 61 -1.73 20.41 -9.42
N MET B 62 -3.05 20.36 -9.59
CA MET B 62 -3.89 19.77 -8.56
C MET B 62 -3.78 18.26 -8.52
N ARG B 63 -3.39 17.60 -9.61
CA ARG B 63 -3.08 16.19 -9.54
C ARG B 63 -1.72 15.97 -8.89
N MET B 64 -0.76 16.85 -9.16
CA MET B 64 0.56 16.76 -8.55
C MET B 64 0.52 16.99 -7.05
N LEU B 65 -0.36 17.88 -6.60
CA LEU B 65 -0.43 18.17 -5.16
C LEU B 65 -1.12 17.05 -4.40
N LYS B 66 -2.22 16.51 -4.94
CA LYS B 66 -2.89 15.37 -4.32
C LYS B 66 -2.07 14.09 -4.40
N LEU B 67 -1.11 14.01 -5.33
CA LEU B 67 -0.23 12.85 -5.43
C LEU B 67 0.66 12.73 -4.21
N ILE B 68 1.08 13.85 -3.65
CA ILE B 68 2.14 13.87 -2.65
C ILE B 68 1.62 13.90 -1.22
N ILE B 69 0.32 14.14 -1.00
CA ILE B 69 -0.18 14.24 0.37
C ILE B 69 -0.31 12.90 1.06
N LEU B 70 -0.20 11.80 0.33
CA LEU B 70 -0.24 10.51 1.01
C LEU B 70 1.12 10.11 1.60
N PRO B 71 2.27 10.20 0.91
CA PRO B 71 3.53 9.96 1.64
C PRO B 71 4.00 11.13 2.48
N LEU B 72 3.35 12.29 2.41
CA LEU B 72 3.69 13.41 3.28
C LEU B 72 2.96 13.34 4.61
N ILE B 73 1.74 12.84 4.62
CA ILE B 73 1.01 12.66 5.87
C ILE B 73 1.65 11.54 6.69
N ILE B 74 2.02 10.45 6.02
CA ILE B 74 2.46 9.24 6.70
C ILE B 74 3.87 9.44 7.26
N SER B 75 4.76 10.05 6.49
CA SER B 75 6.14 10.19 6.93
C SER B 75 6.33 11.31 7.94
N SER B 76 5.60 12.41 7.81
CA SER B 76 5.82 13.54 8.71
C SER B 76 5.07 13.40 10.02
N MET B 77 4.05 12.55 10.06
CA MET B 77 3.42 12.25 11.33
C MET B 77 4.19 11.20 12.11
N ILE B 78 4.81 10.25 11.42
CA ILE B 78 5.58 9.22 12.12
C ILE B 78 6.86 9.81 12.69
N THR B 79 7.53 10.67 11.93
CA THR B 79 8.76 11.28 12.43
C THR B 79 8.51 12.48 13.31
N GLY B 80 7.38 13.16 13.16
CA GLY B 80 7.07 14.27 14.05
C GLY B 80 6.76 13.81 15.45
N VAL B 81 6.25 12.60 15.60
CA VAL B 81 5.84 12.07 16.89
C VAL B 81 6.94 11.22 17.52
N ALA B 82 7.69 10.47 16.70
CA ALA B 82 8.81 9.69 17.21
C ALA B 82 10.00 10.56 17.57
N ALA B 83 10.02 11.82 17.14
CA ALA B 83 11.00 12.79 17.61
C ALA B 83 10.43 13.73 18.65
N LEU B 84 9.11 13.72 18.83
CA LEU B 84 8.52 14.45 19.94
C LEU B 84 8.81 13.75 21.26
N ASP B 85 8.90 12.42 21.26
CA ASP B 85 9.52 11.72 22.37
C ASP B 85 10.99 12.10 22.45
N SER B 86 11.49 12.18 23.69
CA SER B 86 12.75 12.78 24.17
C SER B 86 12.77 14.30 24.04
N ASN B 87 11.71 14.93 23.50
CA ASN B 87 11.50 16.36 23.62
C ASN B 87 10.39 16.69 24.60
N VAL B 88 9.82 15.68 25.26
CA VAL B 88 8.84 15.88 26.32
C VAL B 88 9.36 15.24 27.59
N SER B 89 10.67 15.28 27.78
CA SER B 89 11.30 14.67 28.96
C SER B 89 10.94 15.43 30.23
N GLY B 90 10.48 14.70 31.23
CA GLY B 90 10.14 15.29 32.51
C GLY B 90 8.68 15.68 32.60
N LYS B 91 8.39 16.69 33.43
CA LYS B 91 7.05 17.25 33.51
C LYS B 91 6.94 18.60 32.80
N ILE B 92 8.06 19.20 32.40
CA ILE B 92 8.02 20.44 31.64
C ILE B 92 7.45 20.18 30.24
N GLY B 93 7.90 19.12 29.59
CA GLY B 93 7.38 18.72 28.30
C GLY B 93 5.97 18.15 28.33
N LEU B 94 5.42 17.91 29.51
CA LEU B 94 4.02 17.57 29.65
C LEU B 94 3.16 18.80 29.94
N ARG B 95 3.72 19.80 30.60
CA ARG B 95 3.02 21.05 30.85
C ARG B 95 3.09 22.02 29.66
N ALA B 96 3.66 21.58 28.53
CA ALA B 96 3.49 22.27 27.26
C ALA B 96 2.59 21.52 26.30
N VAL B 97 2.40 20.22 26.48
CA VAL B 97 1.44 19.49 25.66
C VAL B 97 0.01 19.81 26.11
N VAL B 98 -0.18 20.06 27.41
CA VAL B 98 -1.49 20.49 27.89
C VAL B 98 -1.79 21.92 27.43
N TYR B 99 -0.77 22.78 27.40
CA TYR B 99 -0.98 24.16 26.99
C TYR B 99 -1.25 24.27 25.49
N TYR B 100 -0.56 23.47 24.69
CA TYR B 100 -0.79 23.50 23.25
C TYR B 100 -1.98 22.65 22.82
N PHE B 101 -2.67 22.02 23.77
CA PHE B 101 -4.00 21.47 23.51
C PHE B 101 -5.11 22.35 24.06
N CYS B 102 -4.83 23.10 25.13
CA CYS B 102 -5.85 23.97 25.70
C CYS B 102 -6.10 25.22 24.86
N THR B 103 -5.06 25.75 24.22
CA THR B 103 -5.24 26.88 23.32
C THR B 103 -5.49 26.46 21.89
N THR B 104 -5.32 25.18 21.56
CA THR B 104 -5.76 24.69 20.26
C THR B 104 -7.28 24.49 20.25
N LEU B 105 -7.82 23.98 21.36
CA LEU B 105 -9.26 23.76 21.45
C LEU B 105 -10.04 25.07 21.52
N ILE B 106 -9.45 26.12 22.09
CA ILE B 106 -10.11 27.42 22.09
C ILE B 106 -10.04 28.05 20.70
N ALA B 107 -8.97 27.78 19.96
CA ALA B 107 -8.89 28.28 18.59
C ALA B 107 -9.80 27.54 17.62
N VAL B 108 -10.19 26.31 17.95
CA VAL B 108 -11.17 25.62 17.12
C VAL B 108 -12.56 26.19 17.36
N ILE B 109 -12.89 26.48 18.63
CA ILE B 109 -14.17 27.08 18.97
C ILE B 109 -14.27 28.51 18.45
N LEU B 110 -13.15 29.24 18.46
CA LEU B 110 -13.16 30.61 17.97
C LEU B 110 -13.21 30.66 16.45
N GLY B 111 -12.69 29.62 15.77
CA GLY B 111 -12.78 29.59 14.33
C GLY B 111 -14.13 29.14 13.80
N ILE B 112 -14.81 28.27 14.55
CA ILE B 112 -16.14 27.81 14.15
C ILE B 112 -17.19 28.89 14.42
N VAL B 113 -17.08 29.58 15.56
CA VAL B 113 -18.03 30.63 15.91
C VAL B 113 -17.92 31.81 14.95
N LEU B 114 -16.69 32.18 14.56
CA LEU B 114 -16.51 33.36 13.72
C LEU B 114 -16.87 33.10 12.26
N VAL B 115 -16.82 31.85 11.80
CA VAL B 115 -17.18 31.55 10.41
C VAL B 115 -18.68 31.28 10.27
N VAL B 116 -19.39 31.14 11.39
CA VAL B 116 -20.84 30.90 11.37
C VAL B 116 -21.54 32.23 11.66
N SER B 117 -20.93 33.05 12.52
CA SER B 117 -21.53 34.35 12.81
C SER B 117 -21.37 35.32 11.63
N ILE B 118 -20.18 35.35 11.02
CA ILE B 118 -19.98 36.25 9.89
C ILE B 118 -20.57 35.67 8.62
N LYS B 119 -20.41 34.35 8.43
CA LYS B 119 -20.73 33.58 7.22
C LYS B 119 -20.15 34.20 5.96
N PRO B 120 -18.83 34.12 5.74
CA PRO B 120 -18.28 34.63 4.47
C PRO B 120 -18.58 33.65 3.35
N GLY B 121 -19.27 34.12 2.33
CA GLY B 121 -19.60 33.26 1.23
C GLY B 121 -20.97 32.61 1.36
N VAL B 122 -22.00 33.41 1.64
CA VAL B 122 -23.37 32.96 1.56
C VAL B 122 -24.15 33.90 0.65
N THR B 123 -25.30 33.42 0.18
CA THR B 123 -26.23 34.05 -0.78
C THR B 123 -25.57 34.76 -1.96
N SER B 139 -27.97 13.53 10.36
CA SER B 139 -28.13 14.34 11.56
C SER B 139 -26.79 14.87 12.04
N THR B 140 -26.76 15.40 13.26
CA THR B 140 -25.53 15.87 13.87
C THR B 140 -24.83 14.76 14.63
N VAL B 141 -25.60 13.92 15.32
CA VAL B 141 -25.03 12.79 16.06
C VAL B 141 -24.44 11.76 15.10
N ASP B 142 -25.08 11.56 13.94
CA ASP B 142 -24.54 10.65 12.93
C ASP B 142 -23.34 11.22 12.19
N ALA B 143 -22.99 12.49 12.41
CA ALA B 143 -21.80 13.09 11.84
C ALA B 143 -20.72 13.35 12.86
N MET B 144 -21.02 13.24 14.15
CA MET B 144 -20.01 13.22 15.20
C MET B 144 -19.57 11.82 15.56
N LEU B 145 -20.41 10.82 15.29
CA LEU B 145 -19.99 9.43 15.40
C LEU B 145 -19.27 8.93 14.15
N ASP B 146 -19.18 9.76 13.11
CA ASP B 146 -18.34 9.46 11.96
C ASP B 146 -16.96 10.08 12.05
N LEU B 147 -16.75 11.01 12.99
CA LEU B 147 -15.39 11.39 13.33
C LEU B 147 -14.69 10.22 14.01
N ILE B 148 -15.36 9.62 15.01
CA ILE B 148 -14.77 8.52 15.75
C ILE B 148 -14.72 7.24 14.93
N ARG B 149 -15.62 7.09 13.95
CA ARG B 149 -15.52 5.94 13.05
C ARG B 149 -14.39 6.11 12.04
N ASN B 150 -14.06 7.33 11.67
CA ASN B 150 -13.01 7.55 10.68
C ASN B 150 -11.64 7.72 11.32
N MET B 151 -11.55 7.90 12.64
CA MET B 151 -10.25 7.83 13.29
C MET B 151 -9.72 6.40 13.32
N PHE B 152 -10.61 5.42 13.38
CA PHE B 152 -10.26 4.00 13.43
C PHE B 152 -10.87 3.33 12.20
N PRO B 153 -10.19 3.33 11.07
CA PRO B 153 -10.73 2.69 9.87
C PRO B 153 -10.64 1.18 9.97
N GLU B 154 -11.37 0.50 9.10
CA GLU B 154 -11.34 -0.96 9.07
C GLU B 154 -10.25 -1.50 8.18
N ASN B 155 -9.52 -0.65 7.46
CA ASN B 155 -8.47 -1.06 6.57
C ASN B 155 -7.50 0.09 6.43
N LEU B 156 -6.20 -0.21 6.42
CA LEU B 156 -5.20 0.82 6.25
C LEU B 156 -4.92 1.15 4.80
N VAL B 157 -5.22 0.24 3.88
CA VAL B 157 -5.04 0.53 2.46
C VAL B 157 -6.26 1.26 1.91
N GLN B 158 -7.46 0.89 2.37
CA GLN B 158 -8.66 1.64 2.03
C GLN B 158 -8.69 3.03 2.66
N ALA B 159 -7.99 3.25 3.77
CA ALA B 159 -7.93 4.58 4.36
C ALA B 159 -7.11 5.54 3.52
N CYS B 160 -6.28 5.03 2.61
CA CYS B 160 -5.52 5.88 1.71
C CYS B 160 -6.36 6.43 0.56
N PHE B 161 -7.55 5.89 0.30
CA PHE B 161 -8.38 6.46 -0.74
C PHE B 161 -9.88 6.44 -0.46
N GLN B 162 -10.35 5.97 0.69
CA GLN B 162 -11.78 5.84 0.93
C GLN B 162 -12.11 6.32 2.33
N GLN B 163 -13.39 6.58 2.55
CA GLN B 163 -13.84 7.28 3.75
C GLN B 163 -15.23 6.81 4.11
N TYR B 164 -15.44 6.47 5.38
CA TYR B 164 -16.69 5.89 5.82
C TYR B 164 -17.69 6.99 6.14
N LYS B 165 -18.80 7.02 5.40
CA LYS B 165 -19.91 7.93 5.68
C LYS B 165 -21.15 7.10 5.95
N THR B 166 -21.83 7.38 7.05
CA THR B 166 -22.99 6.61 7.45
C THR B 166 -24.26 7.43 7.22
N LYS B 167 -25.37 6.73 7.01
CA LYS B 167 -26.60 7.37 6.57
C LYS B 167 -27.78 6.69 7.23
N ARG B 168 -28.60 7.47 7.91
CA ARG B 168 -29.81 6.97 8.56
C ARG B 168 -30.91 6.79 7.53
N GLU B 169 -31.61 5.65 7.62
CA GLU B 169 -32.61 5.31 6.63
C GLU B 169 -33.58 4.29 7.21
N GLU B 170 -34.70 4.10 6.50
CA GLU B 170 -35.61 3.00 6.77
C GLU B 170 -36.31 2.58 5.48
N GLU B 201 -37.54 3.21 14.80
CA GLU B 201 -38.09 2.80 13.52
C GLU B 201 -37.06 2.95 12.40
N TYR B 202 -35.93 3.55 12.72
CA TYR B 202 -34.86 3.79 11.76
C TYR B 202 -33.78 2.73 11.91
N LYS B 203 -32.92 2.64 10.89
CA LYS B 203 -31.70 1.87 10.99
C LYS B 203 -30.60 2.63 10.28
N ILE B 204 -29.37 2.11 10.37
CA ILE B 204 -28.18 2.85 9.97
C ILE B 204 -27.32 1.99 9.07
N VAL B 205 -27.00 2.51 7.88
CA VAL B 205 -26.14 1.83 6.92
C VAL B 205 -24.84 2.62 6.74
N GLY B 206 -23.82 1.94 6.22
CA GLY B 206 -22.54 2.57 5.97
C GLY B 206 -22.08 2.26 4.56
N MET B 207 -21.34 3.21 3.98
CA MET B 207 -21.19 3.21 2.52
C MET B 207 -19.77 3.11 2.00
N TYR B 208 -18.78 3.68 2.68
CA TYR B 208 -17.40 3.85 2.20
C TYR B 208 -17.36 4.60 0.88
N SER B 209 -17.71 5.89 0.95
CA SER B 209 -17.55 6.78 -0.19
C SER B 209 -16.06 7.07 -0.42
N ASP B 210 -15.76 7.62 -1.59
CA ASP B 210 -14.39 7.87 -1.99
C ASP B 210 -13.87 9.17 -1.38
N GLY B 211 -12.57 9.39 -1.52
CA GLY B 211 -11.88 10.51 -0.91
C GLY B 211 -11.01 10.00 0.22
N ILE B 212 -9.81 10.57 0.35
CA ILE B 212 -8.81 10.04 1.27
C ILE B 212 -9.25 10.25 2.71
N ASN B 213 -8.92 9.28 3.57
CA ASN B 213 -9.19 9.38 5.00
C ASN B 213 -7.95 9.93 5.67
N VAL B 214 -7.92 11.25 5.88
CA VAL B 214 -6.76 11.88 6.49
C VAL B 214 -6.80 11.71 8.00
N LEU B 215 -7.98 11.65 8.59
CA LEU B 215 -8.11 11.50 10.04
C LEU B 215 -7.61 10.13 10.50
N GLY B 216 -7.89 9.08 9.73
CA GLY B 216 -7.47 7.75 10.14
C GLY B 216 -6.03 7.42 9.82
N LEU B 217 -5.43 8.12 8.85
CA LEU B 217 -4.02 7.98 8.59
C LEU B 217 -3.17 8.84 9.51
N ILE B 218 -3.80 9.70 10.30
CA ILE B 218 -3.08 10.55 11.25
C ILE B 218 -3.18 9.99 12.66
N VAL B 219 -4.34 9.43 13.02
CA VAL B 219 -4.49 8.75 14.31
C VAL B 219 -3.63 7.48 14.35
N PHE B 220 -3.55 6.75 13.24
CA PHE B 220 -2.72 5.55 13.23
C PHE B 220 -1.24 5.91 13.25
N CYS B 221 -0.82 6.93 12.51
CA CYS B 221 0.57 7.32 12.50
C CYS B 221 0.99 8.06 13.76
N LEU B 222 0.02 8.56 14.54
CA LEU B 222 0.32 9.07 15.86
C LEU B 222 0.52 7.93 16.85
N VAL B 223 -0.24 6.85 16.72
CA VAL B 223 -0.04 5.68 17.57
C VAL B 223 1.22 4.93 17.13
N PHE B 224 1.39 4.72 15.83
CA PHE B 224 2.59 4.08 15.30
C PHE B 224 3.84 4.92 15.50
N GLY B 225 3.71 6.24 15.62
CA GLY B 225 4.87 7.06 15.89
C GLY B 225 5.28 7.04 17.35
N LEU B 226 4.33 6.84 18.26
CA LEU B 226 4.67 6.72 19.67
C LEU B 226 5.26 5.36 19.99
N VAL B 227 4.81 4.31 19.30
CA VAL B 227 5.26 2.95 19.62
C VAL B 227 6.70 2.76 19.21
N ILE B 228 7.08 3.23 18.01
CA ILE B 228 8.45 3.03 17.53
C ILE B 228 9.42 4.03 18.14
N GLY B 229 8.94 5.08 18.78
CA GLY B 229 9.81 5.97 19.52
C GLY B 229 10.22 5.35 20.85
N LYS B 230 9.29 4.65 21.49
CA LYS B 230 9.55 4.04 22.79
C LYS B 230 10.14 2.65 22.69
N MET B 231 10.22 2.08 21.49
CA MET B 231 10.82 0.77 21.31
C MET B 231 12.33 0.81 21.47
N GLY B 232 12.94 1.95 21.27
CA GLY B 232 14.37 2.12 21.52
C GLY B 232 15.21 1.70 20.32
N GLU B 233 16.07 0.70 20.52
CA GLU B 233 16.97 0.27 19.47
C GLU B 233 16.36 -0.75 18.53
N LYS B 234 15.32 -1.48 18.98
CA LYS B 234 14.68 -2.43 18.09
C LYS B 234 13.88 -1.73 17.01
N GLY B 235 13.38 -0.54 17.29
CA GLY B 235 12.63 0.23 16.31
C GLY B 235 13.39 1.44 15.82
N GLN B 236 14.68 1.27 15.56
CA GLN B 236 15.50 2.34 15.02
C GLN B 236 15.54 2.31 13.50
N ILE B 237 15.38 1.13 12.88
CA ILE B 237 15.29 1.08 11.43
C ILE B 237 13.95 1.65 10.95
N LEU B 238 12.91 1.57 11.77
CA LEU B 238 11.64 2.17 11.41
C LEU B 238 11.66 3.69 11.53
N VAL B 239 12.43 4.23 12.47
CA VAL B 239 12.60 5.68 12.50
C VAL B 239 13.51 6.13 11.37
N ASP B 240 14.53 5.33 11.05
CA ASP B 240 15.43 5.68 9.95
C ASP B 240 14.77 5.53 8.58
N PHE B 241 13.82 4.61 8.44
CA PHE B 241 13.14 4.45 7.16
C PHE B 241 12.20 5.62 6.88
N PHE B 242 11.53 6.10 7.92
CA PHE B 242 10.58 7.19 7.74
C PHE B 242 11.21 8.57 7.86
N ASN B 243 12.39 8.68 8.50
CA ASN B 243 13.13 9.94 8.41
C ASN B 243 13.64 10.18 7.00
N ALA B 244 14.06 9.12 6.32
CA ALA B 244 14.52 9.25 4.94
C ALA B 244 13.37 9.36 3.97
N LEU B 245 12.23 8.75 4.29
CA LEU B 245 11.04 8.91 3.47
C LEU B 245 10.43 10.29 3.62
N SER B 246 10.63 10.93 4.77
CA SER B 246 10.13 12.28 4.96
C SER B 246 11.05 13.31 4.31
N ASP B 247 12.35 13.06 4.26
CA ASP B 247 13.24 13.96 3.54
C ASP B 247 13.07 13.83 2.04
N ALA B 248 12.68 12.65 1.57
CA ALA B 248 12.54 12.42 0.14
C ALA B 248 11.22 12.92 -0.40
N THR B 249 10.21 13.09 0.44
CA THR B 249 8.92 13.62 0.03
C THR B 249 8.72 15.06 0.45
N MET B 250 9.78 15.73 0.90
CA MET B 250 9.83 17.18 0.95
C MET B 250 10.72 17.77 -0.13
N LYS B 251 11.54 16.94 -0.76
CA LYS B 251 12.29 17.33 -1.95
C LYS B 251 11.51 17.10 -3.23
N ILE B 252 10.41 16.36 -3.17
CA ILE B 252 9.50 16.27 -4.31
C ILE B 252 8.48 17.41 -4.28
N VAL B 253 8.11 17.89 -3.09
CA VAL B 253 7.27 19.08 -2.99
C VAL B 253 8.04 20.32 -3.43
N GLN B 254 9.37 20.32 -3.30
CA GLN B 254 10.14 21.43 -3.84
C GLN B 254 10.22 21.38 -5.36
N ILE B 255 10.09 20.19 -5.95
CA ILE B 255 10.04 20.07 -7.40
C ILE B 255 8.68 20.50 -7.93
N ILE B 256 7.62 20.19 -7.18
CA ILE B 256 6.27 20.59 -7.56
C ILE B 256 6.12 22.10 -7.49
N MET B 257 6.73 22.74 -6.48
CA MET B 257 6.66 24.20 -6.37
C MET B 257 7.52 24.92 -7.40
N CYS B 258 8.32 24.21 -8.19
CA CYS B 258 8.94 24.83 -9.37
C CYS B 258 7.98 24.86 -10.55
N TYR B 259 6.92 24.07 -10.52
CA TYR B 259 5.86 24.11 -11.51
C TYR B 259 4.67 24.94 -11.06
N MET B 260 4.50 25.09 -9.74
CA MET B 260 3.38 25.84 -9.18
C MET B 260 3.21 27.29 -9.64
N PRO B 261 4.25 28.06 -10.03
CA PRO B 261 3.96 29.34 -10.69
C PRO B 261 3.22 29.21 -12.01
N LEU B 262 3.56 28.20 -12.80
CA LEU B 262 2.87 28.00 -14.08
C LEU B 262 1.47 27.46 -13.87
N GLY B 263 1.29 26.62 -12.85
CA GLY B 263 -0.02 26.02 -12.62
C GLY B 263 -1.03 27.00 -12.07
N ILE B 264 -0.60 27.93 -11.21
CA ILE B 264 -1.55 28.84 -10.61
C ILE B 264 -1.84 30.01 -11.54
N LEU B 265 -1.03 30.16 -12.60
CA LEU B 265 -1.34 31.12 -13.64
C LEU B 265 -2.59 30.70 -14.40
N PHE B 266 -2.65 29.45 -14.84
CA PHE B 266 -3.83 28.95 -15.55
C PHE B 266 -4.96 28.56 -14.61
N LEU B 267 -4.71 28.52 -13.31
CA LEU B 267 -5.76 28.27 -12.33
C LEU B 267 -6.52 29.54 -11.97
N ILE B 268 -5.80 30.64 -11.79
CA ILE B 268 -6.43 31.94 -11.56
C ILE B 268 -7.16 32.38 -12.81
N ALA B 269 -6.50 32.28 -13.97
CA ALA B 269 -7.09 32.72 -15.23
C ALA B 269 -8.30 31.90 -15.63
N GLY B 270 -8.35 30.62 -15.24
CA GLY B 270 -9.54 29.83 -15.48
C GLY B 270 -10.71 30.17 -14.59
N LYS B 271 -10.49 30.94 -13.52
CA LYS B 271 -11.56 31.37 -12.63
C LYS B 271 -12.10 32.75 -12.98
N ILE B 272 -11.23 33.66 -13.42
CA ILE B 272 -11.67 35.00 -13.80
C ILE B 272 -12.44 34.95 -15.12
N ILE B 273 -12.18 33.94 -15.95
CA ILE B 273 -12.94 33.76 -17.18
C ILE B 273 -14.39 33.40 -16.85
N GLU B 274 -14.59 32.42 -15.98
CA GLU B 274 -15.93 31.93 -15.69
C GLU B 274 -16.72 32.85 -14.77
N VAL B 275 -16.03 33.69 -13.99
CA VAL B 275 -16.71 34.64 -13.12
C VAL B 275 -17.32 35.74 -13.97
N GLU B 276 -18.61 36.01 -13.76
CA GLU B 276 -19.32 37.04 -14.51
C GLU B 276 -19.70 38.25 -13.68
N ASP B 277 -19.71 38.12 -12.35
CA ASP B 277 -20.09 39.20 -11.44
C ASP B 277 -19.04 39.28 -10.34
N TRP B 278 -18.87 40.49 -9.80
CA TRP B 278 -17.85 40.74 -8.79
C TRP B 278 -18.38 40.58 -7.38
N GLU B 279 -19.34 39.66 -7.18
CA GLU B 279 -19.74 39.28 -5.84
C GLU B 279 -18.68 38.44 -5.15
N ILE B 280 -17.95 37.62 -5.92
CA ILE B 280 -16.90 36.79 -5.36
C ILE B 280 -15.69 37.60 -4.89
N PHE B 281 -15.59 38.86 -5.25
CA PHE B 281 -14.58 39.76 -4.69
C PHE B 281 -15.07 40.45 -3.42
N ARG B 282 -16.33 40.23 -3.04
CA ARG B 282 -16.84 40.64 -1.74
C ARG B 282 -16.80 39.50 -0.73
N LYS B 283 -17.08 38.27 -1.17
CA LYS B 283 -16.91 37.11 -0.31
C LYS B 283 -15.44 36.82 -0.04
N LEU B 284 -14.53 37.26 -0.90
CA LEU B 284 -13.10 37.20 -0.61
C LEU B 284 -12.64 38.35 0.28
N GLY B 285 -13.51 39.31 0.57
CA GLY B 285 -13.18 40.37 1.50
C GLY B 285 -13.71 40.06 2.88
N LEU B 286 -14.81 39.30 2.93
CA LEU B 286 -15.32 38.80 4.19
C LEU B 286 -14.57 37.57 4.67
N TYR B 287 -13.76 36.95 3.81
CA TYR B 287 -12.90 35.86 4.25
C TYR B 287 -11.66 36.40 4.94
N MET B 288 -11.07 37.47 4.42
CA MET B 288 -9.93 38.09 5.08
C MET B 288 -10.35 38.85 6.33
N ALA B 289 -11.63 39.16 6.50
CA ALA B 289 -12.11 39.78 7.73
C ALA B 289 -12.60 38.75 8.75
N THR B 290 -12.52 37.47 8.43
CA THR B 290 -12.73 36.40 9.39
C THR B 290 -11.44 35.78 9.86
N VAL B 291 -10.42 35.75 9.01
CA VAL B 291 -9.11 35.27 9.41
C VAL B 291 -8.38 36.32 10.24
N LEU B 292 -8.41 37.58 9.80
CA LEU B 292 -7.79 38.65 10.57
C LEU B 292 -8.60 39.09 11.78
N THR B 293 -9.80 38.52 11.99
CA THR B 293 -10.52 38.68 13.24
C THR B 293 -10.32 37.49 14.17
N GLY B 294 -10.15 36.29 13.61
CA GLY B 294 -9.77 35.15 14.43
C GLY B 294 -8.36 35.27 14.95
N LEU B 295 -7.45 35.83 14.15
CA LEU B 295 -6.07 36.06 14.54
C LEU B 295 -5.86 37.44 15.14
N ALA B 296 -6.91 38.05 15.69
CA ALA B 296 -6.77 39.26 16.47
C ALA B 296 -7.57 39.23 17.76
N ILE B 297 -8.42 38.22 17.95
CA ILE B 297 -8.94 37.92 19.28
C ILE B 297 -7.99 36.97 20.00
N HIS B 298 -7.29 36.12 19.24
CA HIS B 298 -6.29 35.23 19.81
C HIS B 298 -5.05 35.97 20.30
N SER B 299 -4.53 36.92 19.52
CA SER B 299 -3.32 37.62 19.94
C SER B 299 -3.56 38.72 20.97
N ILE B 300 -4.78 39.22 21.09
CA ILE B 300 -5.06 40.36 21.96
C ILE B 300 -5.88 39.95 23.18
N VAL B 301 -6.88 39.11 23.00
CA VAL B 301 -7.88 38.83 24.03
C VAL B 301 -7.70 37.43 24.62
N ILE B 302 -7.51 36.42 23.78
CA ILE B 302 -7.49 35.04 24.28
C ILE B 302 -6.15 34.70 24.93
N LEU B 303 -5.05 34.84 24.20
CA LEU B 303 -3.75 34.44 24.72
C LEU B 303 -3.15 35.35 25.79
N PRO B 304 -3.30 36.69 25.75
CA PRO B 304 -2.92 37.47 26.94
C PRO B 304 -3.79 37.24 28.15
N LEU B 305 -4.98 36.65 28.01
CA LEU B 305 -5.74 36.29 29.19
C LEU B 305 -5.21 35.02 29.83
N ILE B 306 -4.85 34.03 29.01
CA ILE B 306 -4.37 32.74 29.51
C ILE B 306 -3.04 32.91 30.24
N TYR B 307 -2.20 33.84 29.78
CA TYR B 307 -1.00 34.20 30.52
C TYR B 307 -1.34 34.87 31.85
N PHE B 308 -2.26 35.83 31.83
CA PHE B 308 -2.57 36.59 33.03
C PHE B 308 -3.39 35.80 34.05
N ILE B 309 -4.00 34.67 33.64
CA ILE B 309 -4.72 33.85 34.61
C ILE B 309 -3.73 33.15 35.55
N VAL B 310 -2.66 32.58 35.00
CA VAL B 310 -1.73 31.79 35.81
C VAL B 310 -0.46 32.57 36.16
N VAL B 311 -0.06 33.53 35.32
CA VAL B 311 1.18 34.28 35.51
C VAL B 311 0.82 35.76 35.59
N ARG B 312 0.78 36.30 36.81
CA ARG B 312 0.29 37.66 37.05
C ARG B 312 1.40 38.68 36.80
N LYS B 313 1.80 38.81 35.54
CA LYS B 313 2.91 39.71 35.22
C LYS B 313 2.72 40.48 33.90
N ASN B 314 1.50 41.04 33.68
CA ASN B 314 1.22 42.02 32.63
C ASN B 314 1.57 41.60 31.21
N PRO B 315 0.72 40.81 30.54
CA PRO B 315 1.09 40.19 29.24
C PRO B 315 1.46 41.16 28.12
N PHE B 316 1.02 42.42 28.17
CA PHE B 316 1.42 43.37 27.15
C PHE B 316 2.86 43.86 27.31
N ARG B 317 3.50 43.57 28.44
CA ARG B 317 4.94 43.75 28.58
C ARG B 317 5.72 42.56 28.02
N PHE B 318 5.13 41.37 28.06
CA PHE B 318 5.76 40.18 27.50
C PHE B 318 5.88 40.28 25.98
N ALA B 319 4.85 40.80 25.31
CA ALA B 319 4.88 40.89 23.86
C ALA B 319 5.82 41.98 23.37
N MET B 320 6.01 43.05 24.16
CA MET B 320 6.98 44.07 23.80
C MET B 320 8.41 43.58 23.95
N GLY B 321 8.65 42.59 24.81
CA GLY B 321 9.95 41.95 24.89
C GLY B 321 10.22 41.01 23.74
N MET B 322 9.18 40.57 23.04
CA MET B 322 9.30 39.70 21.89
C MET B 322 9.10 40.44 20.57
N ALA B 323 9.14 41.78 20.59
CA ALA B 323 8.83 42.59 19.42
C ALA B 323 9.86 42.44 18.31
N GLN B 324 11.07 41.98 18.60
CA GLN B 324 12.02 41.72 17.54
C GLN B 324 11.65 40.46 16.76
N ALA B 325 11.09 39.46 17.43
CA ALA B 325 10.71 38.22 16.77
C ALA B 325 9.30 38.24 16.21
N LEU B 326 8.43 39.12 16.72
CA LEU B 326 7.14 39.32 16.09
C LEU B 326 7.30 40.03 14.75
N LEU B 327 8.17 41.03 14.70
CA LEU B 327 8.40 41.78 13.47
C LEU B 327 9.19 40.95 12.45
N THR B 328 9.96 39.97 12.92
CA THR B 328 10.69 39.08 12.03
C THR B 328 9.75 38.05 11.41
N ALA B 329 8.68 37.68 12.12
CA ALA B 329 7.72 36.71 11.60
C ALA B 329 6.85 37.32 10.51
N LEU B 330 6.69 38.64 10.51
CA LEU B 330 5.98 39.34 9.45
C LEU B 330 6.78 39.42 8.15
N MET B 331 8.07 39.09 8.18
CA MET B 331 8.91 39.16 7.00
C MET B 331 9.22 37.80 6.38
N ILE B 332 9.16 36.72 7.16
CA ILE B 332 9.53 35.40 6.69
C ILE B 332 8.31 34.50 6.49
N SER B 333 7.33 34.60 7.39
CA SER B 333 6.14 33.72 7.48
C SER B 333 6.55 32.26 7.55
N SER B 334 7.45 31.96 8.48
CA SER B 334 7.83 30.58 8.78
C SER B 334 8.28 30.53 10.22
N SER B 335 7.66 29.65 11.01
CA SER B 335 7.95 29.61 12.44
C SER B 335 9.30 28.97 12.72
N SER B 336 9.66 27.95 11.95
CA SER B 336 10.95 27.28 12.11
C SER B 336 12.10 28.05 11.49
N ALA B 337 11.82 29.12 10.75
CA ALA B 337 12.89 29.98 10.23
C ALA B 337 13.24 31.09 11.20
N THR B 338 12.27 31.63 11.91
CA THR B 338 12.53 32.58 13.00
C THR B 338 12.64 31.89 14.34
N LEU B 339 12.67 30.56 14.37
CA LEU B 339 12.95 29.84 15.60
C LEU B 339 14.34 30.13 16.20
N PRO B 340 15.42 30.38 15.44
CA PRO B 340 16.62 30.93 16.09
C PRO B 340 16.41 32.33 16.66
N VAL B 341 15.48 33.11 16.12
CA VAL B 341 15.31 34.48 16.60
C VAL B 341 14.49 34.51 17.88
N THR B 342 13.40 33.72 17.95
CA THR B 342 12.56 33.72 19.14
C THR B 342 13.22 33.04 20.34
N PHE B 343 14.28 32.28 20.09
CA PHE B 343 15.15 31.84 21.17
C PHE B 343 15.97 33.00 21.73
N ARG B 344 16.47 33.86 20.84
CA ARG B 344 17.36 34.94 21.26
C ARG B 344 16.61 36.09 21.93
N CYS B 345 15.34 36.29 21.61
CA CYS B 345 14.57 37.35 22.25
C CYS B 345 13.90 36.92 23.53
N ALA B 346 13.65 35.62 23.71
CA ALA B 346 12.97 35.16 24.92
C ALA B 346 13.89 35.21 26.13
N GLU B 347 15.14 34.77 25.96
CA GLU B 347 16.03 34.62 27.12
C GLU B 347 16.62 35.96 27.56
N GLU B 348 16.94 36.83 26.60
CA GLU B 348 17.68 38.05 26.95
C GLU B 348 16.74 39.15 27.46
N ASN B 349 15.59 39.31 26.81
CA ASN B 349 14.69 40.41 27.15
C ASN B 349 13.72 40.06 28.28
N ASN B 350 13.20 38.84 28.27
CA ASN B 350 12.20 38.42 29.25
C ASN B 350 12.81 37.69 30.44
N GLN B 351 14.11 37.40 30.39
CA GLN B 351 14.89 36.78 31.46
C GLN B 351 14.31 35.42 31.88
N VAL B 352 14.31 34.50 30.91
CA VAL B 352 13.86 33.12 31.13
C VAL B 352 15.04 32.19 30.92
N ASP B 353 15.16 31.17 31.76
CA ASP B 353 16.29 30.25 31.66
C ASP B 353 16.14 29.32 30.45
N LYS B 354 17.29 28.82 29.98
CA LYS B 354 17.34 28.05 28.74
C LYS B 354 16.86 26.62 28.90
N ARG B 355 16.64 26.14 30.12
CA ARG B 355 16.25 24.75 30.31
C ARG B 355 14.79 24.52 30.00
N ILE B 356 13.97 25.57 29.96
CA ILE B 356 12.56 25.44 29.63
C ILE B 356 12.22 26.00 28.25
N THR B 357 13.06 26.85 27.67
CA THR B 357 12.82 27.29 26.30
C THR B 357 13.19 26.22 25.29
N ARG B 358 14.25 25.46 25.56
CA ARG B 358 14.65 24.34 24.71
C ARG B 358 13.73 23.13 24.84
N PHE B 359 12.77 23.14 25.76
CA PHE B 359 11.88 22.02 25.98
C PHE B 359 10.46 22.27 25.49
N VAL B 360 10.08 23.52 25.24
CA VAL B 360 8.74 23.85 24.78
C VAL B 360 8.70 24.39 23.36
N LEU B 361 9.81 24.93 22.86
CA LEU B 361 9.88 25.41 21.48
C LEU B 361 10.05 24.32 20.42
N PRO B 362 10.76 23.20 20.65
CA PRO B 362 10.67 22.10 19.66
C PRO B 362 9.36 21.34 19.67
N VAL B 363 8.62 21.33 20.78
CA VAL B 363 7.28 20.73 20.73
C VAL B 363 6.26 21.78 20.25
N GLY B 364 6.61 23.05 20.32
CA GLY B 364 5.79 24.12 19.79
C GLY B 364 5.93 24.38 18.31
N ALA B 365 6.66 23.54 17.60
CA ALA B 365 6.71 23.59 16.15
C ALA B 365 6.08 22.35 15.53
N THR B 366 5.39 21.55 16.35
CA THR B 366 4.73 20.35 15.87
C THR B 366 3.29 20.36 16.37
N ILE B 367 3.07 20.95 17.54
CA ILE B 367 1.80 20.84 18.24
C ILE B 367 1.03 22.18 18.23
N ASN B 368 1.70 23.29 17.97
CA ASN B 368 1.06 24.60 18.01
C ASN B 368 0.11 24.79 16.83
N MET B 369 -1.13 24.34 16.99
CA MET B 369 -2.17 24.48 15.98
C MET B 369 -3.14 25.60 16.31
N ASP B 370 -2.69 26.64 17.01
CA ASP B 370 -3.58 27.77 17.26
C ASP B 370 -3.85 28.56 15.98
N GLY B 371 -2.82 28.75 15.16
CA GLY B 371 -2.99 29.54 13.95
C GLY B 371 -3.68 28.82 12.81
N THR B 372 -3.63 27.49 12.79
CA THR B 372 -4.26 26.74 11.71
C THR B 372 -5.77 26.75 11.84
N ALA B 373 -6.29 26.58 13.06
CA ALA B 373 -7.73 26.52 13.29
C ALA B 373 -8.42 27.87 13.05
N LEU B 374 -7.67 28.96 13.04
CA LEU B 374 -8.19 30.27 12.72
C LEU B 374 -7.91 30.70 11.28
N TYR B 375 -7.06 29.98 10.55
CA TYR B 375 -6.80 30.33 9.16
C TYR B 375 -7.18 29.22 8.18
N GLU B 376 -6.67 28.01 8.36
CA GLU B 376 -6.99 26.94 7.41
C GLU B 376 -8.27 26.19 7.74
N ALA B 377 -8.86 26.41 8.90
CA ALA B 377 -10.15 25.83 9.22
C ALA B 377 -11.27 26.86 9.13
N VAL B 378 -10.94 28.10 8.80
CA VAL B 378 -11.90 29.10 8.37
C VAL B 378 -11.93 29.16 6.85
N ALA B 379 -10.79 28.92 6.22
CA ALA B 379 -10.75 28.82 4.76
C ALA B 379 -11.50 27.61 4.25
N ALA B 380 -11.36 26.46 4.92
CA ALA B 380 -12.02 25.25 4.43
C ALA B 380 -13.52 25.25 4.69
N VAL B 381 -14.00 26.07 5.62
CA VAL B 381 -15.45 26.25 5.76
C VAL B 381 -15.95 27.32 4.77
N PHE B 382 -15.11 28.32 4.48
CA PHE B 382 -15.48 29.34 3.48
C PHE B 382 -15.60 28.74 2.08
N ILE B 383 -14.74 27.77 1.75
CA ILE B 383 -14.86 27.07 0.48
C ILE B 383 -16.13 26.22 0.45
N ALA B 384 -16.47 25.59 1.58
CA ALA B 384 -17.69 24.80 1.66
C ALA B 384 -18.94 25.66 1.62
N GLN B 385 -18.89 26.86 2.20
CA GLN B 385 -20.00 27.79 2.09
C GLN B 385 -20.11 28.35 0.68
N LEU B 386 -19.00 28.43 -0.04
CA LEU B 386 -18.99 28.96 -1.40
C LEU B 386 -19.74 28.07 -2.37
N ASN B 387 -19.74 26.76 -2.14
CA ASN B 387 -20.45 25.82 -3.00
C ASN B 387 -21.90 25.60 -2.56
N ASP B 388 -22.47 26.56 -1.82
CA ASP B 388 -23.87 26.58 -1.39
C ASP B 388 -24.24 25.35 -0.56
N LEU B 389 -23.30 24.88 0.25
CA LEU B 389 -23.59 23.84 1.22
C LEU B 389 -24.13 24.46 2.50
N ASP B 390 -25.06 23.75 3.14
CA ASP B 390 -25.61 24.22 4.41
C ASP B 390 -24.80 23.72 5.60
N LEU B 391 -24.29 22.49 5.50
CA LEU B 391 -23.25 21.89 6.35
C LEU B 391 -23.69 21.53 7.76
N GLY B 392 -24.87 21.99 8.18
CA GLY B 392 -25.31 21.79 9.55
C GLY B 392 -24.37 22.44 10.54
N ILE B 393 -24.08 21.71 11.62
CA ILE B 393 -23.08 22.11 12.60
C ILE B 393 -22.20 20.90 12.88
N GLY B 394 -22.56 19.76 12.29
CA GLY B 394 -21.83 18.54 12.52
C GLY B 394 -20.77 18.28 11.48
N GLN B 395 -20.97 18.81 10.28
CA GLN B 395 -19.95 18.75 9.23
C GLN B 395 -19.03 19.95 9.26
N ILE B 396 -19.28 20.93 10.12
CA ILE B 396 -18.33 22.01 10.33
C ILE B 396 -17.26 21.59 11.33
N ILE B 397 -17.67 20.88 12.40
CA ILE B 397 -16.72 20.29 13.34
C ILE B 397 -15.92 19.19 12.66
N THR B 398 -16.49 18.52 11.66
CA THR B 398 -15.75 17.53 10.88
C THR B 398 -14.64 18.19 10.07
N ILE B 399 -14.90 19.39 9.54
CA ILE B 399 -13.91 20.09 8.72
C ILE B 399 -12.81 20.67 9.60
N SER B 400 -13.19 21.37 10.68
CA SER B 400 -12.22 22.05 11.51
C SER B 400 -11.41 21.11 12.40
N ILE B 401 -11.78 19.83 12.49
CA ILE B 401 -10.91 18.85 13.13
C ILE B 401 -10.02 18.18 12.09
N THR B 402 -10.52 18.00 10.87
CA THR B 402 -9.68 17.52 9.79
C THR B 402 -8.67 18.57 9.34
N ALA B 403 -9.04 19.85 9.38
CA ALA B 403 -8.09 20.90 8.98
C ALA B 403 -7.04 21.15 10.05
N THR B 404 -7.41 20.99 11.32
CA THR B 404 -6.44 21.14 12.41
C THR B 404 -5.50 19.94 12.48
N SER B 405 -5.97 18.74 12.14
CA SER B 405 -5.12 17.57 12.18
C SER B 405 -4.17 17.52 10.98
N ALA B 406 -4.63 17.95 9.81
CA ALA B 406 -3.83 17.90 8.59
C ALA B 406 -2.65 18.87 8.60
N SER B 407 -2.62 19.84 9.49
CA SER B 407 -1.47 20.72 9.60
C SER B 407 -0.35 20.13 10.44
N ILE B 408 -0.58 19.03 11.16
CA ILE B 408 0.54 18.34 11.76
C ILE B 408 1.25 17.50 10.70
N GLY B 409 0.49 16.99 9.74
CA GLY B 409 1.09 16.23 8.64
C GLY B 409 1.87 17.12 7.69
N ALA B 410 1.31 18.28 7.34
CA ALA B 410 2.06 19.25 6.55
C ALA B 410 2.88 20.12 7.50
N ALA B 411 3.92 19.50 8.06
CA ALA B 411 4.61 20.06 9.21
C ALA B 411 5.59 21.16 8.82
N GLY B 412 6.61 20.80 8.04
CA GLY B 412 7.64 21.76 7.68
C GLY B 412 7.78 21.96 6.19
N VAL B 413 6.65 21.80 5.50
CA VAL B 413 6.56 21.91 4.03
C VAL B 413 6.92 23.34 3.63
N PRO B 414 7.59 23.55 2.47
CA PRO B 414 7.91 24.92 2.01
C PRO B 414 6.69 25.81 1.83
N GLN B 415 5.76 25.42 0.97
CA GLN B 415 4.53 26.18 0.81
C GLN B 415 3.41 25.51 1.61
N ALA B 416 3.58 25.57 2.94
CA ALA B 416 2.74 24.80 3.86
C ALA B 416 1.32 25.34 4.01
N GLY B 417 1.01 26.50 3.41
CA GLY B 417 -0.35 26.98 3.40
C GLY B 417 -1.14 26.44 2.24
N LEU B 418 -0.46 26.28 1.09
CA LEU B 418 -1.10 25.69 -0.08
C LEU B 418 -1.27 24.19 0.06
N VAL B 419 -0.27 23.50 0.59
CA VAL B 419 -0.32 22.04 0.68
C VAL B 419 -1.33 21.59 1.71
N THR B 420 -1.42 22.30 2.85
CA THR B 420 -2.35 21.92 3.92
C THR B 420 -3.80 22.05 3.45
N MET B 421 -4.07 23.07 2.64
CA MET B 421 -5.43 23.28 2.14
C MET B 421 -5.83 22.21 1.13
N VAL B 422 -4.88 21.68 0.35
CA VAL B 422 -5.22 20.61 -0.58
C VAL B 422 -5.49 19.31 0.17
N ILE B 423 -4.92 19.15 1.37
CA ILE B 423 -5.20 17.95 2.17
C ILE B 423 -6.63 18.00 2.70
N VAL B 424 -7.04 19.14 3.26
CA VAL B 424 -8.35 19.22 3.89
C VAL B 424 -9.47 19.27 2.86
N LEU B 425 -9.27 19.98 1.73
CA LEU B 425 -10.29 20.03 0.70
C LEU B 425 -10.50 18.67 0.04
N SER B 426 -9.45 17.85 -0.06
CA SER B 426 -9.60 16.51 -0.57
C SER B 426 -10.17 15.55 0.48
N ALA B 427 -9.94 15.83 1.76
CA ALA B 427 -10.45 14.96 2.81
C ALA B 427 -11.95 15.15 3.01
N VAL B 428 -12.39 16.38 3.26
CA VAL B 428 -13.78 16.64 3.61
C VAL B 428 -14.71 16.65 2.40
N GLY B 429 -14.20 16.42 1.20
CA GLY B 429 -15.04 16.23 0.05
C GLY B 429 -15.42 17.51 -0.65
N LEU B 430 -14.44 18.36 -0.89
CA LEU B 430 -14.61 19.65 -1.53
C LEU B 430 -13.71 19.73 -2.77
N PRO B 431 -14.01 20.63 -3.71
CA PRO B 431 -13.12 20.77 -4.87
C PRO B 431 -11.80 21.41 -4.45
N ALA B 432 -10.70 20.67 -4.66
CA ALA B 432 -9.38 21.18 -4.34
C ALA B 432 -8.94 22.30 -5.27
N GLU B 433 -9.57 22.44 -6.43
CA GLU B 433 -9.27 23.53 -7.34
C GLU B 433 -9.86 24.87 -6.90
N ASP B 434 -10.63 24.88 -5.82
CA ASP B 434 -11.11 26.11 -5.20
C ASP B 434 -10.09 26.73 -4.25
N VAL B 435 -8.89 26.14 -4.14
CA VAL B 435 -7.83 26.72 -3.34
C VAL B 435 -7.26 27.98 -3.97
N THR B 436 -7.52 28.21 -5.26
CA THR B 436 -6.96 29.37 -5.94
C THR B 436 -7.62 30.67 -5.53
N LEU B 437 -8.78 30.63 -4.87
CA LEU B 437 -9.28 31.81 -4.19
C LEU B 437 -8.45 32.12 -2.96
N ILE B 438 -7.89 31.10 -2.32
CA ILE B 438 -7.18 31.28 -1.06
C ILE B 438 -5.72 31.69 -1.28
N ILE B 439 -5.06 31.15 -2.31
CA ILE B 439 -3.65 31.46 -2.56
C ILE B 439 -3.48 32.81 -3.24
N ALA B 440 -4.57 33.45 -3.65
CA ALA B 440 -4.53 34.83 -4.10
C ALA B 440 -4.15 35.79 -2.97
N VAL B 441 -4.47 35.44 -1.73
CA VAL B 441 -4.26 36.33 -0.61
C VAL B 441 -3.59 35.56 0.54
N ASP B 442 -3.06 34.37 0.23
CA ASP B 442 -2.38 33.55 1.22
C ASP B 442 -1.09 34.23 1.71
N TRP B 443 -0.45 35.01 0.84
CA TRP B 443 0.79 35.69 1.22
C TRP B 443 0.54 36.86 2.15
N LEU B 444 -0.71 37.27 2.36
CA LEU B 444 -1.01 38.29 3.35
C LEU B 444 -1.34 37.65 4.70
N LEU B 445 -2.06 36.54 4.69
CA LEU B 445 -2.59 35.92 5.90
C LEU B 445 -1.61 34.94 6.54
N ASP B 446 -0.67 34.37 5.78
CA ASP B 446 0.31 33.47 6.37
C ASP B 446 1.38 34.23 7.14
N ARG B 447 1.57 35.52 6.84
CA ARG B 447 2.46 36.35 7.64
C ARG B 447 1.86 36.59 9.02
N PHE B 448 0.57 36.90 9.05
CA PHE B 448 -0.11 37.15 10.31
C PHE B 448 -0.45 35.89 11.08
N ARG B 449 -0.52 34.72 10.43
CA ARG B 449 -0.72 33.49 11.19
C ARG B 449 0.51 33.15 12.02
N THR B 450 1.70 33.26 11.42
CA THR B 450 2.92 32.94 12.14
C THR B 450 3.35 34.01 13.13
N MET B 451 2.74 35.19 13.08
CA MET B 451 2.91 36.13 14.18
C MET B 451 2.15 35.67 15.40
N VAL B 452 1.05 34.93 15.21
CA VAL B 452 0.32 34.34 16.33
C VAL B 452 1.04 33.10 16.83
N ASN B 453 1.64 32.33 15.92
CA ASN B 453 2.41 31.16 16.32
C ASN B 453 3.69 31.53 17.05
N VAL B 454 4.26 32.69 16.74
CA VAL B 454 5.44 33.15 17.48
C VAL B 454 5.02 33.76 18.81
N LEU B 455 3.91 34.50 18.83
CA LEU B 455 3.38 35.03 20.08
C LEU B 455 2.78 33.92 20.95
N GLY B 456 2.19 32.90 20.33
CA GLY B 456 1.66 31.79 21.12
C GLY B 456 2.74 30.93 21.72
N ASP B 457 3.89 30.83 21.04
CA ASP B 457 5.00 30.07 21.59
C ASP B 457 5.76 30.86 22.65
N ALA B 458 5.79 32.18 22.53
CA ALA B 458 6.47 33.00 23.51
C ALA B 458 5.71 33.02 24.84
N PHE B 459 4.38 33.09 24.77
CA PHE B 459 3.58 32.91 25.98
C PHE B 459 3.62 31.47 26.48
N GLY B 460 3.98 30.51 25.63
CA GLY B 460 4.25 29.16 26.07
C GLY B 460 5.62 28.94 26.67
N THR B 461 6.47 29.97 26.66
CA THR B 461 7.71 29.95 27.42
C THR B 461 7.51 30.54 28.81
N GLY B 462 6.85 31.68 28.90
CA GLY B 462 6.60 32.30 30.19
C GLY B 462 5.49 31.70 31.00
N ILE B 463 4.87 30.60 30.57
CA ILE B 463 3.82 29.96 31.35
C ILE B 463 4.41 28.77 32.08
N VAL B 464 5.39 28.10 31.47
CA VAL B 464 5.95 26.89 32.07
C VAL B 464 7.08 27.18 33.04
N GLU B 465 7.40 28.44 33.27
CA GLU B 465 8.16 28.79 34.46
C GLU B 465 7.28 28.78 35.71
N LYS B 466 5.97 29.00 35.57
CA LYS B 466 5.10 29.13 36.73
C LYS B 466 4.51 27.81 37.21
N LEU B 467 4.17 26.89 36.32
CA LEU B 467 3.75 25.57 36.77
C LEU B 467 4.93 24.66 37.06
N SER B 468 6.12 24.98 36.56
CA SER B 468 7.33 24.21 36.82
C SER B 468 8.32 25.14 37.50
N LYS B 469 8.33 25.11 38.81
CA LYS B 469 9.27 25.84 39.66
C LYS B 469 9.98 24.92 40.64
N LYS B 470 9.27 23.93 41.19
CA LYS B 470 9.88 22.93 42.04
C LYS B 470 10.46 21.76 41.25
N GLU B 471 10.15 21.68 39.95
CA GLU B 471 10.67 20.63 39.10
C GLU B 471 12.07 20.94 38.59
N LEU B 472 12.47 22.21 38.58
CA LEU B 472 13.76 22.59 37.99
C LEU B 472 14.94 22.21 38.88
N GLU B 473 14.71 21.79 40.12
CA GLU B 473 15.80 21.32 40.98
C GLU B 473 15.69 19.82 41.23
N ASN C 20 20.16 -24.56 -23.09
CA ASN C 20 19.64 -23.74 -22.01
C ASN C 20 18.32 -24.32 -21.53
N TRP C 21 17.97 -24.10 -20.26
CA TRP C 21 16.78 -24.74 -19.71
C TRP C 21 15.52 -23.94 -20.04
N VAL C 22 15.55 -22.62 -19.79
CA VAL C 22 14.33 -21.83 -19.89
C VAL C 22 13.92 -21.64 -21.36
N LEU C 23 14.84 -21.83 -22.31
CA LEU C 23 14.44 -21.82 -23.72
C LEU C 23 13.91 -23.18 -24.17
N LEU C 24 14.65 -24.23 -23.84
CA LEU C 24 14.26 -25.58 -24.26
C LEU C 24 12.93 -26.02 -23.70
N SER C 25 12.67 -25.66 -22.45
CA SER C 25 11.42 -26.07 -21.82
C SER C 25 10.23 -25.29 -22.35
N THR C 26 10.44 -24.05 -22.77
CA THR C 26 9.35 -23.24 -23.31
C THR C 26 8.99 -23.68 -24.73
N VAL C 27 9.99 -24.06 -25.53
CA VAL C 27 9.70 -24.60 -26.85
C VAL C 27 9.04 -25.96 -26.73
N ALA C 28 9.47 -26.77 -25.76
CA ALA C 28 8.86 -28.07 -25.55
C ALA C 28 7.48 -28.00 -24.91
N ALA C 29 7.05 -26.83 -24.44
CA ALA C 29 5.70 -26.63 -23.96
C ALA C 29 4.80 -25.95 -24.99
N VAL C 30 5.40 -25.32 -26.00
CA VAL C 30 4.62 -24.84 -27.14
C VAL C 30 4.31 -25.99 -28.09
N VAL C 31 5.26 -26.92 -28.25
CA VAL C 31 5.04 -28.07 -29.12
C VAL C 31 4.03 -29.02 -28.52
N LEU C 32 4.17 -29.35 -27.23
CA LEU C 32 3.17 -30.19 -26.58
C LEU C 32 1.86 -29.45 -26.31
N GLY C 33 1.84 -28.13 -26.41
CA GLY C 33 0.61 -27.39 -26.26
C GLY C 33 -0.24 -27.48 -27.50
N ILE C 34 0.41 -27.48 -28.66
CA ILE C 34 -0.33 -27.67 -29.91
C ILE C 34 -0.64 -29.15 -30.12
N THR C 35 0.21 -30.05 -29.59
CA THR C 35 -0.06 -31.48 -29.66
C THR C 35 -1.27 -31.87 -28.83
N THR C 36 -1.36 -31.35 -27.60
CA THR C 36 -2.56 -31.55 -26.79
C THR C 36 -3.75 -30.79 -27.39
N GLY C 37 -3.49 -29.66 -28.05
CA GLY C 37 -4.55 -28.80 -28.53
C GLY C 37 -5.34 -29.35 -29.70
N VAL C 38 -4.71 -30.13 -30.58
CA VAL C 38 -5.43 -30.70 -31.71
C VAL C 38 -5.88 -32.13 -31.43
N LEU C 39 -5.37 -32.76 -30.37
CA LEU C 39 -5.85 -34.06 -29.95
C LEU C 39 -7.00 -33.98 -28.95
N VAL C 40 -7.59 -32.79 -28.79
CA VAL C 40 -8.80 -32.63 -28.00
C VAL C 40 -9.95 -32.10 -28.85
N ARG C 41 -9.68 -31.13 -29.73
CA ARG C 41 -10.72 -30.58 -30.58
C ARG C 41 -11.07 -31.51 -31.74
N GLU C 42 -10.13 -32.34 -32.20
CA GLU C 42 -10.38 -33.26 -33.29
C GLU C 42 -10.49 -34.70 -32.82
N HIS C 43 -10.58 -34.91 -31.50
CA HIS C 43 -10.68 -36.24 -30.94
C HIS C 43 -11.74 -36.36 -29.85
N SER C 44 -12.36 -35.26 -29.44
CA SER C 44 -13.37 -35.25 -28.39
C SER C 44 -14.26 -34.03 -28.61
N ASN C 45 -15.07 -33.70 -27.60
CA ASN C 45 -15.96 -32.55 -27.68
C ASN C 45 -16.21 -32.06 -26.26
N LEU C 46 -15.73 -30.87 -25.95
CA LEU C 46 -15.90 -30.27 -24.63
C LEU C 46 -16.98 -29.19 -24.68
N SER C 47 -17.59 -28.94 -23.53
CA SER C 47 -18.62 -27.91 -23.42
C SER C 47 -17.97 -26.53 -23.32
N THR C 48 -18.79 -25.49 -23.19
CA THR C 48 -18.27 -24.15 -22.96
C THR C 48 -17.73 -24.03 -21.54
N LEU C 49 -18.18 -24.87 -20.63
CA LEU C 49 -17.67 -24.87 -19.26
C LEU C 49 -16.39 -25.69 -19.15
N GLU C 50 -16.31 -26.83 -19.84
CA GLU C 50 -15.13 -27.67 -19.74
C GLU C 50 -13.96 -27.18 -20.58
N LYS C 51 -14.17 -26.17 -21.43
CA LYS C 51 -13.07 -25.45 -22.06
C LYS C 51 -12.60 -24.28 -21.21
N PHE C 52 -13.27 -24.02 -20.08
CA PHE C 52 -12.79 -23.07 -19.09
C PHE C 52 -12.02 -23.75 -17.97
N TYR C 53 -12.40 -24.98 -17.61
CA TYR C 53 -11.65 -25.73 -16.61
C TYR C 53 -10.43 -26.40 -17.20
N PHE C 54 -10.35 -26.49 -18.53
CA PHE C 54 -9.17 -27.05 -19.17
C PHE C 54 -8.05 -26.03 -19.25
N ALA C 55 -8.39 -24.74 -19.29
CA ALA C 55 -7.40 -23.67 -19.30
C ALA C 55 -7.22 -23.04 -17.93
N PHE C 56 -7.48 -23.78 -16.86
CA PHE C 56 -7.26 -23.27 -15.52
C PHE C 56 -5.79 -23.27 -15.05
N PRO C 57 -4.94 -24.28 -15.36
CA PRO C 57 -3.52 -24.11 -15.02
C PRO C 57 -2.81 -22.98 -15.75
N GLY C 58 -3.34 -22.54 -16.89
CA GLY C 58 -2.84 -21.36 -17.54
C GLY C 58 -3.50 -20.09 -17.06
N GLU C 59 -4.63 -20.22 -16.38
CA GLU C 59 -5.23 -19.05 -15.74
C GLU C 59 -4.44 -18.66 -14.51
N ILE C 60 -3.99 -19.64 -13.71
CA ILE C 60 -3.24 -19.40 -12.49
C ILE C 60 -1.87 -18.79 -12.81
N LEU C 61 -1.30 -19.11 -13.96
CA LEU C 61 -0.06 -18.47 -14.39
C LEU C 61 -0.26 -16.98 -14.67
N MET C 62 -1.41 -16.63 -15.26
CA MET C 62 -1.68 -15.22 -15.50
C MET C 62 -2.03 -14.46 -14.24
N ARG C 63 -2.52 -15.13 -13.19
CA ARG C 63 -2.67 -14.48 -11.90
C ARG C 63 -1.32 -14.34 -11.21
N MET C 64 -0.44 -15.33 -11.36
CA MET C 64 0.89 -15.28 -10.78
C MET C 64 1.74 -14.19 -11.40
N LEU C 65 1.57 -13.97 -12.72
CA LEU C 65 2.38 -12.97 -13.39
C LEU C 65 1.92 -11.56 -13.05
N LYS C 66 0.60 -11.31 -13.02
CA LYS C 66 0.09 -10.01 -12.62
C LYS C 66 0.29 -9.73 -11.14
N LEU C 67 0.50 -10.76 -10.33
CA LEU C 67 0.78 -10.59 -8.91
C LEU C 67 2.10 -9.86 -8.69
N ILE C 68 3.08 -10.14 -9.56
CA ILE C 68 4.46 -9.73 -9.30
C ILE C 68 4.84 -8.43 -9.99
N ILE C 69 4.02 -7.92 -10.92
CA ILE C 69 4.40 -6.71 -11.65
C ILE C 69 4.27 -5.46 -10.82
N LEU C 70 3.63 -5.51 -9.67
CA LEU C 70 3.57 -4.32 -8.83
C LEU C 70 4.83 -4.13 -7.98
N PRO C 71 5.39 -5.13 -7.27
CA PRO C 71 6.69 -4.89 -6.64
C PRO C 71 7.87 -4.98 -7.58
N LEU C 72 7.68 -5.38 -8.84
CA LEU C 72 8.76 -5.38 -9.81
C LEU C 72 8.90 -4.03 -10.51
N ILE C 73 7.79 -3.34 -10.74
CA ILE C 73 7.85 -2.00 -11.31
C ILE C 73 8.46 -1.03 -10.31
N ILE C 74 8.05 -1.14 -9.05
CA ILE C 74 8.40 -0.16 -8.04
C ILE C 74 9.86 -0.31 -7.63
N SER C 75 10.32 -1.54 -7.45
CA SER C 75 11.68 -1.76 -6.98
C SER C 75 12.72 -1.59 -8.08
N SER C 76 12.42 -1.98 -9.31
CA SER C 76 13.42 -1.92 -10.36
C SER C 76 13.51 -0.55 -11.00
N MET C 77 12.49 0.28 -10.84
CA MET C 77 12.59 1.66 -11.30
C MET C 77 13.29 2.52 -10.27
N ILE C 78 13.12 2.23 -8.98
CA ILE C 78 13.78 3.02 -7.96
C ILE C 78 15.27 2.72 -7.94
N THR C 79 15.65 1.45 -8.07
CA THR C 79 17.06 1.11 -8.07
C THR C 79 17.72 1.28 -9.43
N GLY C 80 16.96 1.22 -10.51
CA GLY C 80 17.53 1.48 -11.82
C GLY C 80 17.92 2.93 -12.02
N VAL C 81 17.23 3.84 -11.33
CA VAL C 81 17.46 5.27 -11.48
C VAL C 81 18.40 5.80 -10.40
N ALA C 82 18.30 5.26 -9.18
CA ALA C 82 19.23 5.65 -8.12
C ALA C 82 20.62 5.08 -8.32
N ALA C 83 20.79 4.10 -9.20
CA ALA C 83 22.11 3.64 -9.61
C ALA C 83 22.51 4.19 -10.96
N LEU C 84 21.57 4.81 -11.69
CA LEU C 84 21.94 5.54 -12.90
C LEU C 84 22.68 6.81 -12.56
N ASP C 85 22.34 7.44 -11.43
CA ASP C 85 23.21 8.46 -10.86
C ASP C 85 24.52 7.82 -10.43
N SER C 86 25.61 8.57 -10.59
CA SER C 86 27.04 8.19 -10.58
C SER C 86 27.44 7.32 -11.76
N ASN C 87 26.52 6.97 -12.65
CA ASN C 87 26.85 6.41 -13.95
C ASN C 87 26.63 7.42 -15.07
N VAL C 88 26.23 8.64 -14.73
CA VAL C 88 26.10 9.72 -15.69
C VAL C 88 27.01 10.88 -15.28
N SER C 89 28.15 10.53 -14.68
CA SER C 89 29.09 11.54 -14.20
C SER C 89 29.74 12.29 -15.36
N GLY C 90 29.71 13.62 -15.29
CA GLY C 90 30.31 14.44 -16.31
C GLY C 90 29.35 14.84 -17.40
N LYS C 91 29.87 15.09 -18.60
CA LYS C 91 29.05 15.35 -19.77
C LYS C 91 28.98 14.15 -20.71
N ILE C 92 29.82 13.14 -20.51
CA ILE C 92 29.75 11.92 -21.31
C ILE C 92 28.46 11.16 -21.00
N GLY C 93 28.14 11.02 -19.72
CA GLY C 93 26.90 10.38 -19.31
C GLY C 93 25.66 11.20 -19.58
N LEU C 94 25.79 12.45 -20.00
CA LEU C 94 24.66 13.23 -20.49
C LEU C 94 24.53 13.15 -22.00
N ARG C 95 25.63 12.96 -22.71
CA ARG C 95 25.60 12.77 -24.16
C ARG C 95 25.31 11.34 -24.56
N ALA C 96 24.99 10.46 -23.60
CA ALA C 96 24.39 9.17 -23.88
C ALA C 96 22.93 9.10 -23.47
N VAL C 97 22.48 9.97 -22.56
CA VAL C 97 21.06 10.03 -22.23
C VAL C 97 20.29 10.73 -23.35
N VAL C 98 20.91 11.71 -24.02
CA VAL C 98 20.29 12.34 -25.18
C VAL C 98 20.25 11.36 -26.35
N TYR C 99 21.28 10.54 -26.52
CA TYR C 99 21.32 9.60 -27.63
C TYR C 99 20.34 8.46 -27.44
N TYR C 100 20.19 7.98 -26.21
CA TYR C 100 19.23 6.91 -25.94
C TYR C 100 17.81 7.43 -25.74
N PHE C 101 17.59 8.73 -25.86
CA PHE C 101 16.24 9.28 -26.02
C PHE C 101 15.95 9.66 -27.45
N CYS C 102 16.97 10.03 -28.23
CA CYS C 102 16.75 10.42 -29.62
C CYS C 102 16.49 9.22 -30.51
N THR C 103 17.11 8.06 -30.23
CA THR C 103 16.82 6.85 -30.99
C THR C 103 15.71 6.02 -30.37
N THR C 104 15.27 6.34 -29.15
CA THR C 104 14.07 5.73 -28.61
C THR C 104 12.83 6.35 -29.23
N LEU C 105 12.84 7.68 -29.41
CA LEU C 105 11.70 8.38 -29.99
C LEU C 105 11.54 8.05 -31.47
N ILE C 106 12.63 7.76 -32.18
CA ILE C 106 12.50 7.35 -33.57
C ILE C 106 11.99 5.91 -33.65
N ALA C 107 12.35 5.07 -32.67
CA ALA C 107 11.82 3.71 -32.66
C ALA C 107 10.35 3.65 -32.24
N VAL C 108 9.84 4.66 -31.54
CA VAL C 108 8.42 4.70 -31.25
C VAL C 108 7.64 5.11 -32.50
N ILE C 109 8.16 6.07 -33.26
CA ILE C 109 7.52 6.51 -34.50
C ILE C 109 7.60 5.41 -35.55
N LEU C 110 8.70 4.65 -35.58
CA LEU C 110 8.85 3.58 -36.56
C LEU C 110 7.99 2.37 -36.18
N GLY C 111 7.71 2.17 -34.90
CA GLY C 111 6.84 1.07 -34.50
C GLY C 111 5.38 1.37 -34.68
N ILE C 112 4.98 2.64 -34.55
CA ILE C 112 3.59 3.03 -34.74
C ILE C 112 3.24 3.07 -36.22
N VAL C 113 4.16 3.58 -37.05
CA VAL C 113 3.94 3.68 -38.49
C VAL C 113 3.85 2.29 -39.11
N LEU C 114 4.71 1.36 -38.68
CA LEU C 114 4.75 0.04 -39.30
C LEU C 114 3.60 -0.85 -38.86
N VAL C 115 3.01 -0.61 -37.68
CA VAL C 115 1.88 -1.42 -37.24
C VAL C 115 0.55 -0.86 -37.75
N VAL C 116 0.55 0.34 -38.32
CA VAL C 116 -0.66 0.94 -38.87
C VAL C 116 -0.64 0.76 -40.39
N SER C 117 0.55 0.81 -40.99
CA SER C 117 0.64 0.60 -42.42
C SER C 117 0.42 -0.86 -42.80
N ILE C 118 1.01 -1.78 -42.05
CA ILE C 118 0.83 -3.21 -42.34
C ILE C 118 -0.50 -3.70 -41.80
N LYS C 119 -0.88 -3.25 -40.60
CA LYS C 119 -2.03 -3.69 -39.80
C LYS C 119 -2.06 -5.22 -39.65
N PRO C 120 -1.18 -5.81 -38.85
CA PRO C 120 -1.28 -7.26 -38.62
C PRO C 120 -2.43 -7.55 -37.66
N GLY C 121 -3.39 -8.34 -38.11
CA GLY C 121 -4.51 -8.67 -37.27
C GLY C 121 -5.70 -7.76 -37.48
N VAL C 122 -6.11 -7.57 -38.74
CA VAL C 122 -7.36 -6.92 -39.05
C VAL C 122 -8.18 -7.83 -39.95
N THR C 123 -9.48 -7.54 -40.04
CA THR C 123 -10.54 -8.29 -40.75
C THR C 123 -10.45 -9.81 -40.64
N SER C 139 -12.07 11.41 -28.17
CA SER C 139 -11.29 12.00 -29.24
C SER C 139 -9.82 11.63 -29.13
N THR C 140 -8.97 12.33 -29.89
CA THR C 140 -7.53 12.13 -29.81
C THR C 140 -6.91 13.04 -28.76
N VAL C 141 -7.39 14.28 -28.67
CA VAL C 141 -6.88 15.22 -27.68
C VAL C 141 -7.27 14.78 -26.26
N ASP C 142 -8.46 14.19 -26.10
CA ASP C 142 -8.86 13.65 -24.81
C ASP C 142 -8.15 12.36 -24.44
N ALA C 143 -7.38 11.77 -25.36
CA ALA C 143 -6.58 10.59 -25.07
C ALA C 143 -5.10 10.88 -25.01
N MET C 144 -4.67 12.07 -25.44
CA MET C 144 -3.30 12.54 -25.21
C MET C 144 -3.20 13.37 -23.94
N LEU C 145 -4.29 13.97 -23.48
CA LEU C 145 -4.33 14.60 -22.18
C LEU C 145 -4.60 13.60 -21.06
N ASP C 146 -4.84 12.33 -21.39
CA ASP C 146 -4.91 11.28 -20.38
C ASP C 146 -3.59 10.55 -20.21
N LEU C 147 -2.65 10.75 -21.12
CA LEU C 147 -1.28 10.35 -20.82
C LEU C 147 -0.72 11.22 -19.71
N ILE C 148 -0.87 12.54 -19.85
CA ILE C 148 -0.34 13.47 -18.86
C ILE C 148 -1.14 13.44 -17.57
N ARG C 149 -2.43 13.07 -17.63
CA ARG C 149 -3.19 12.90 -16.39
C ARG C 149 -2.80 11.62 -15.66
N ASN C 150 -2.37 10.59 -16.38
CA ASN C 150 -2.02 9.34 -15.74
C ASN C 150 -0.56 9.26 -15.35
N MET C 151 0.28 10.19 -15.81
CA MET C 151 1.63 10.28 -15.28
C MET C 151 1.62 10.82 -13.86
N PHE C 152 0.66 11.68 -13.54
CA PHE C 152 0.54 12.30 -12.23
C PHE C 152 -0.81 11.89 -11.65
N PRO C 153 -0.89 10.75 -10.97
CA PRO C 153 -2.17 10.32 -10.41
C PRO C 153 -2.50 11.12 -9.16
N GLU C 154 -3.76 11.04 -8.74
CA GLU C 154 -4.19 11.74 -7.53
C GLU C 154 -3.99 10.91 -6.27
N ASN C 155 -3.55 9.67 -6.40
CA ASN C 155 -3.34 8.80 -5.26
C ASN C 155 -2.32 7.75 -5.66
N LEU C 156 -1.40 7.44 -4.74
CA LEU C 156 -0.39 6.44 -5.02
C LEU C 156 -0.87 5.03 -4.74
N VAL C 157 -1.88 4.86 -3.88
CA VAL C 157 -2.43 3.54 -3.63
C VAL C 157 -3.46 3.17 -4.69
N GLN C 158 -4.25 4.15 -5.14
CA GLN C 158 -5.15 3.92 -6.27
C GLN C 158 -4.41 3.73 -7.58
N ALA C 159 -3.18 4.25 -7.71
CA ALA C 159 -2.42 4.03 -8.94
C ALA C 159 -1.94 2.59 -9.05
N CYS C 160 -1.94 1.84 -7.96
CA CYS C 160 -1.58 0.44 -7.99
C CYS C 160 -2.69 -0.45 -8.54
N PHE C 161 -3.92 0.04 -8.66
CA PHE C 161 -4.97 -0.77 -9.24
C PHE C 161 -6.00 -0.01 -10.08
N GLN C 162 -5.88 1.30 -10.26
CA GLN C 162 -6.91 2.06 -10.95
C GLN C 162 -6.25 3.05 -11.91
N GLN C 163 -7.06 3.55 -12.84
CA GLN C 163 -6.54 4.29 -13.97
C GLN C 163 -7.58 5.31 -14.41
N TYR C 164 -7.14 6.55 -14.61
CA TYR C 164 -8.06 7.65 -14.91
C TYR C 164 -8.33 7.69 -16.40
N LYS C 165 -9.59 7.49 -16.79
CA LYS C 165 -10.02 7.66 -18.17
C LYS C 165 -11.10 8.72 -18.21
N THR C 166 -10.94 9.69 -19.10
CA THR C 166 -11.87 10.81 -19.18
C THR C 166 -12.74 10.66 -20.43
N LYS C 167 -13.93 11.24 -20.38
CA LYS C 167 -14.94 11.01 -21.41
C LYS C 167 -15.71 12.29 -21.65
N ARG C 168 -15.74 12.73 -22.90
CA ARG C 168 -16.48 13.92 -23.30
C ARG C 168 -17.97 13.60 -23.41
N GLU C 169 -18.79 14.48 -22.89
CA GLU C 169 -20.24 14.23 -22.84
C GLU C 169 -20.98 15.54 -22.67
N GLU C 170 -22.29 15.47 -22.89
CA GLU C 170 -23.19 16.56 -22.54
C GLU C 170 -24.57 16.00 -22.20
N GLU C 201 -20.26 23.49 -25.98
CA GLU C 201 -21.51 22.87 -25.58
C GLU C 201 -21.28 21.55 -24.85
N TYR C 202 -20.03 21.10 -24.85
CA TYR C 202 -19.65 19.84 -24.22
C TYR C 202 -19.04 20.09 -22.85
N LYS C 203 -18.96 19.04 -22.04
CA LYS C 203 -18.18 19.07 -20.82
C LYS C 203 -17.48 17.73 -20.66
N ILE C 204 -16.63 17.63 -19.64
CA ILE C 204 -15.70 16.53 -19.52
C ILE C 204 -15.77 15.94 -18.12
N VAL C 205 -16.01 14.62 -18.04
CA VAL C 205 -16.07 13.90 -16.78
C VAL C 205 -14.92 12.90 -16.71
N GLY C 206 -14.61 12.48 -15.48
CA GLY C 206 -13.55 11.50 -15.26
C GLY C 206 -14.05 10.38 -14.37
N MET C 207 -13.52 9.19 -14.60
CA MET C 207 -14.19 7.98 -14.12
C MET C 207 -13.40 7.12 -13.15
N TYR C 208 -12.07 7.01 -13.31
CA TYR C 208 -11.21 6.06 -12.59
C TYR C 208 -11.67 4.62 -12.80
N SER C 209 -11.52 4.16 -14.04
CA SER C 209 -11.73 2.76 -14.36
C SER C 209 -10.61 1.90 -13.77
N ASP C 210 -10.85 0.60 -13.73
CA ASP C 210 -9.91 -0.34 -13.11
C ASP C 210 -8.78 -0.69 -14.08
N GLY C 211 -7.78 -1.36 -13.54
CA GLY C 211 -6.56 -1.70 -14.27
C GLY C 211 -5.43 -0.86 -13.72
N ILE C 212 -4.25 -1.46 -13.62
CA ILE C 212 -3.13 -0.83 -12.93
C ILE C 212 -2.62 0.36 -13.74
N ASN C 213 -2.18 1.40 -13.03
CA ASN C 213 -1.59 2.58 -13.66
C ASN C 213 -0.08 2.39 -13.65
N VAL C 214 0.45 1.88 -14.76
CA VAL C 214 1.88 1.63 -14.86
C VAL C 214 2.63 2.92 -15.15
N LEU C 215 2.00 3.84 -15.89
CA LEU C 215 2.65 5.10 -16.23
C LEU C 215 2.87 5.99 -15.01
N GLY C 216 1.92 6.00 -14.07
CA GLY C 216 2.07 6.83 -12.90
C GLY C 216 2.91 6.24 -11.80
N LEU C 217 3.06 4.92 -11.80
CA LEU C 217 3.98 4.28 -10.87
C LEU C 217 5.40 4.26 -11.40
N ILE C 218 5.62 4.68 -12.64
CA ILE C 218 6.94 4.75 -13.22
C ILE C 218 7.47 6.18 -13.23
N VAL C 219 6.60 7.15 -13.47
CA VAL C 219 6.97 8.57 -13.36
C VAL C 219 7.28 8.93 -11.92
N PHE C 220 6.51 8.39 -10.95
CA PHE C 220 6.79 8.68 -9.56
C PHE C 220 8.07 8.00 -9.09
N CYS C 221 8.30 6.75 -9.49
CA CYS C 221 9.50 6.05 -9.09
C CYS C 221 10.74 6.53 -9.84
N LEU C 222 10.56 7.24 -10.95
CA LEU C 222 11.68 7.92 -11.59
C LEU C 222 12.03 9.21 -10.85
N VAL C 223 11.02 9.91 -10.32
CA VAL C 223 11.29 11.09 -9.51
C VAL C 223 11.81 10.68 -8.13
N PHE C 224 11.16 9.68 -7.51
CA PHE C 224 11.61 9.17 -6.22
C PHE C 224 12.96 8.47 -6.32
N GLY C 225 13.33 7.95 -7.49
CA GLY C 225 14.62 7.34 -7.64
C GLY C 225 15.74 8.35 -7.83
N LEU C 226 15.43 9.50 -8.41
CA LEU C 226 16.43 10.55 -8.54
C LEU C 226 16.66 11.29 -7.22
N VAL C 227 15.61 11.42 -6.41
CA VAL C 227 15.72 12.20 -5.17
C VAL C 227 16.56 11.46 -4.15
N ILE C 228 16.35 10.15 -3.99
CA ILE C 228 17.10 9.38 -3.01
C ILE C 228 18.48 9.01 -3.48
N GLY C 229 18.78 9.16 -4.76
CA GLY C 229 20.14 9.00 -5.25
C GLY C 229 20.99 10.20 -4.91
N LYS C 230 20.40 11.39 -4.99
CA LYS C 230 21.12 12.63 -4.74
C LYS C 230 21.11 13.03 -3.28
N MET C 231 20.34 12.34 -2.44
CA MET C 231 20.32 12.64 -1.02
C MET C 231 21.59 12.21 -0.31
N GLY C 232 22.32 11.27 -0.88
CA GLY C 232 23.61 10.87 -0.35
C GLY C 232 23.48 9.84 0.76
N GLU C 233 23.96 10.19 1.95
CA GLU C 233 23.97 9.26 3.06
C GLU C 233 22.67 9.26 3.85
N LYS C 234 21.88 10.33 3.77
CA LYS C 234 20.60 10.35 4.47
C LYS C 234 19.60 9.42 3.80
N GLY C 235 19.72 9.23 2.49
CA GLY C 235 18.84 8.33 1.76
C GLY C 235 19.54 7.07 1.32
N GLN C 236 20.34 6.49 2.19
CA GLN C 236 21.01 5.23 1.90
C GLN C 236 20.21 4.03 2.37
N ILE C 237 19.39 4.20 3.41
CA ILE C 237 18.51 3.11 3.82
C ILE C 237 17.38 2.93 2.82
N LEU C 238 16.99 3.98 2.11
CA LEU C 238 15.98 3.84 1.07
C LEU C 238 16.52 3.18 -0.19
N VAL C 239 17.81 3.36 -0.49
CA VAL C 239 18.40 2.60 -1.59
C VAL C 239 18.62 1.16 -1.18
N ASP C 240 18.99 0.94 0.09
CA ASP C 240 19.22 -0.41 0.58
C ASP C 240 17.91 -1.18 0.75
N PHE C 241 16.80 -0.50 1.05
CA PHE C 241 15.53 -1.19 1.20
C PHE C 241 15.01 -1.65 -0.15
N PHE C 242 15.19 -0.84 -1.19
CA PHE C 242 14.68 -1.20 -2.50
C PHE C 242 15.66 -2.01 -3.33
N ASN C 243 16.96 -1.98 -3.00
CA ASN C 243 17.88 -2.94 -3.60
C ASN C 243 17.58 -4.36 -3.14
N ALA C 244 17.22 -4.52 -1.86
CA ALA C 244 16.86 -5.84 -1.35
C ALA C 244 15.46 -6.24 -1.75
N LEU C 245 14.56 -5.28 -1.94
CA LEU C 245 13.23 -5.59 -2.44
C LEU C 245 13.27 -5.94 -3.92
N SER C 246 14.24 -5.42 -4.66
CA SER C 246 14.37 -5.79 -6.06
C SER C 246 15.04 -7.13 -6.26
N ASP C 247 15.95 -7.51 -5.36
CA ASP C 247 16.54 -8.84 -5.43
C ASP C 247 15.55 -9.90 -4.99
N ALA C 248 14.62 -9.54 -4.10
CA ALA C 248 13.66 -10.50 -3.58
C ALA C 248 12.49 -10.72 -4.51
N THR C 249 12.20 -9.76 -5.40
CA THR C 249 11.13 -9.91 -6.37
C THR C 249 11.65 -10.22 -7.76
N MET C 250 12.92 -10.58 -7.89
CA MET C 250 13.43 -11.29 -9.05
C MET C 250 13.72 -12.75 -8.76
N LYS C 251 13.77 -13.13 -7.49
CA LYS C 251 13.82 -14.53 -7.09
C LYS C 251 12.44 -15.14 -6.94
N ILE C 252 11.39 -14.33 -6.92
CA ILE C 252 10.03 -14.86 -7.00
C ILE C 252 9.61 -15.06 -8.45
N VAL C 253 10.11 -14.22 -9.37
CA VAL C 253 9.86 -14.44 -10.80
C VAL C 253 10.60 -15.68 -11.28
N GLN C 254 11.71 -16.05 -10.63
CA GLN C 254 12.37 -17.31 -10.97
C GLN C 254 11.57 -18.51 -10.46
N ILE C 255 10.79 -18.33 -9.40
CA ILE C 255 9.93 -19.40 -8.92
C ILE C 255 8.71 -19.55 -9.82
N ILE C 256 8.19 -18.42 -10.32
CA ILE C 256 7.05 -18.44 -11.24
C ILE C 256 7.43 -19.09 -12.57
N MET C 257 8.65 -18.84 -13.04
CA MET C 257 9.11 -19.46 -14.29
C MET C 257 9.43 -20.93 -14.15
N CYS C 258 9.42 -21.49 -12.94
CA CYS C 258 9.44 -22.94 -12.79
C CYS C 258 8.06 -23.55 -12.97
N TYR C 259 7.00 -22.74 -12.87
CA TYR C 259 5.64 -23.18 -13.17
C TYR C 259 5.22 -22.81 -14.59
N MET C 260 5.84 -21.79 -15.17
CA MET C 260 5.51 -21.32 -16.51
C MET C 260 5.57 -22.35 -17.65
N PRO C 261 6.40 -23.42 -17.61
CA PRO C 261 6.20 -24.48 -18.62
C PRO C 261 4.87 -25.19 -18.52
N LEU C 262 4.39 -25.44 -17.30
CA LEU C 262 3.10 -26.10 -17.14
C LEU C 262 1.95 -25.16 -17.48
N GLY C 263 2.11 -23.87 -17.17
CA GLY C 263 1.03 -22.93 -17.43
C GLY C 263 0.84 -22.61 -18.90
N ILE C 264 1.93 -22.56 -19.67
CA ILE C 264 1.79 -22.20 -21.08
C ILE C 264 1.41 -23.43 -21.90
N LEU C 265 1.52 -24.62 -21.30
CA LEU C 265 1.00 -25.81 -21.95
C LEU C 265 -0.52 -25.77 -22.04
N PHE C 266 -1.19 -25.46 -20.93
CA PHE C 266 -2.65 -25.35 -20.92
C PHE C 266 -3.13 -24.02 -21.46
N LEU C 267 -2.24 -23.05 -21.67
CA LEU C 267 -2.61 -21.78 -22.27
C LEU C 267 -2.62 -21.86 -23.79
N ILE C 268 -1.61 -22.53 -24.37
CA ILE C 268 -1.59 -22.78 -25.81
C ILE C 268 -2.72 -23.73 -26.19
N ALA C 269 -2.87 -24.82 -25.44
CA ALA C 269 -3.88 -25.83 -25.75
C ALA C 269 -5.28 -25.30 -25.59
N GLY C 270 -5.50 -24.34 -24.70
CA GLY C 270 -6.80 -23.71 -24.59
C GLY C 270 -7.13 -22.76 -25.73
N LYS C 271 -6.14 -22.38 -26.54
CA LYS C 271 -6.36 -21.51 -27.68
C LYS C 271 -6.55 -22.29 -28.98
N ILE C 272 -5.84 -23.40 -29.15
CA ILE C 272 -5.98 -24.21 -30.35
C ILE C 272 -7.31 -24.95 -30.33
N ILE C 273 -7.87 -25.20 -29.14
CA ILE C 273 -9.19 -25.81 -29.04
C ILE C 273 -10.26 -24.86 -29.59
N GLU C 274 -10.22 -23.59 -29.14
CA GLU C 274 -11.27 -22.65 -29.51
C GLU C 274 -11.10 -22.11 -30.92
N VAL C 275 -9.89 -22.15 -31.47
CA VAL C 275 -9.65 -21.70 -32.84
C VAL C 275 -10.24 -22.71 -33.80
N GLU C 276 -11.07 -22.23 -34.74
CA GLU C 276 -11.72 -23.08 -35.73
C GLU C 276 -11.19 -22.89 -37.14
N ASP C 277 -10.52 -21.78 -37.41
CA ASP C 277 -9.99 -21.47 -38.73
C ASP C 277 -8.55 -21.02 -38.58
N TRP C 278 -7.74 -21.26 -39.63
CA TRP C 278 -6.32 -20.94 -39.59
C TRP C 278 -6.02 -19.55 -40.12
N GLU C 279 -6.94 -18.61 -39.94
CA GLU C 279 -6.63 -17.20 -40.23
C GLU C 279 -5.69 -16.63 -39.18
N ILE C 280 -5.78 -17.08 -37.93
CA ILE C 280 -4.90 -16.59 -36.87
C ILE C 280 -3.46 -17.05 -37.04
N PHE C 281 -3.20 -18.02 -37.92
CA PHE C 281 -1.84 -18.38 -38.28
C PHE C 281 -1.31 -17.55 -39.45
N ARG C 282 -2.15 -16.69 -40.03
CA ARG C 282 -1.72 -15.69 -40.98
C ARG C 282 -1.48 -14.33 -40.32
N LYS C 283 -2.32 -13.96 -39.35
CA LYS C 283 -2.07 -12.77 -38.56
C LYS C 283 -0.86 -12.92 -37.65
N LEU C 284 -0.49 -14.15 -37.31
CA LEU C 284 0.77 -14.40 -36.61
C LEU C 284 1.96 -14.45 -37.55
N GLY C 285 1.74 -14.39 -38.85
CA GLY C 285 2.83 -14.30 -39.80
C GLY C 285 3.06 -12.86 -40.22
N LEU C 286 2.00 -12.05 -40.19
CA LEU C 286 2.14 -10.63 -40.40
C LEU C 286 2.61 -9.90 -39.15
N TYR C 287 2.59 -10.55 -38.00
CA TYR C 287 3.16 -9.97 -36.80
C TYR C 287 4.68 -10.13 -36.79
N MET C 288 5.17 -11.30 -37.20
CA MET C 288 6.62 -11.49 -37.32
C MET C 288 7.21 -10.74 -38.50
N ALA C 289 6.39 -10.30 -39.45
CA ALA C 289 6.87 -9.47 -40.54
C ALA C 289 6.74 -7.99 -40.25
N THR C 290 6.23 -7.61 -39.08
CA THR C 290 6.27 -6.24 -38.61
C THR C 290 7.34 -6.01 -37.56
N VAL C 291 7.67 -7.04 -36.77
CA VAL C 291 8.76 -6.95 -35.83
C VAL C 291 10.10 -7.08 -36.54
N LEU C 292 10.23 -8.04 -37.46
CA LEU C 292 11.46 -8.19 -38.22
C LEU C 292 11.60 -7.17 -39.33
N THR C 293 10.62 -6.30 -39.54
CA THR C 293 10.79 -5.14 -40.40
C THR C 293 11.09 -3.88 -39.59
N GLY C 294 10.55 -3.77 -38.38
CA GLY C 294 10.95 -2.70 -37.49
C GLY C 294 12.37 -2.84 -37.01
N LEU C 295 12.81 -4.08 -36.77
CA LEU C 295 14.18 -4.38 -36.36
C LEU C 295 15.09 -4.67 -37.54
N ALA C 296 14.76 -4.18 -38.73
CA ALA C 296 15.66 -4.21 -39.86
C ALA C 296 15.72 -2.89 -40.60
N ILE C 297 14.86 -1.94 -40.29
CA ILE C 297 15.08 -0.55 -40.68
C ILE C 297 15.93 0.16 -39.62
N HIS C 298 15.81 -0.26 -38.36
CA HIS C 298 16.63 0.28 -37.29
C HIS C 298 18.09 -0.16 -37.40
N SER C 299 18.35 -1.43 -37.68
CA SER C 299 19.74 -1.87 -37.74
C SER C 299 20.45 -1.53 -39.04
N ILE C 300 19.72 -1.24 -40.12
CA ILE C 300 20.32 -1.04 -41.42
C ILE C 300 20.22 0.42 -41.86
N VAL C 301 19.09 1.06 -41.64
CA VAL C 301 18.78 2.36 -42.21
C VAL C 301 18.82 3.47 -41.17
N ILE C 302 18.20 3.24 -40.01
CA ILE C 302 18.07 4.32 -39.03
C ILE C 302 19.36 4.53 -38.24
N LEU C 303 19.87 3.49 -37.59
CA LEU C 303 21.05 3.65 -36.73
C LEU C 303 22.37 3.81 -37.47
N PRO C 304 22.64 3.16 -38.62
CA PRO C 304 23.82 3.58 -39.39
C PRO C 304 23.73 4.96 -40.01
N LEU C 305 22.55 5.56 -40.09
CA LEU C 305 22.50 6.94 -40.53
C LEU C 305 22.87 7.90 -39.41
N ILE C 306 22.41 7.62 -38.19
CA ILE C 306 22.66 8.49 -37.04
C ILE C 306 24.15 8.51 -36.70
N TYR C 307 24.83 7.39 -36.89
CA TYR C 307 26.29 7.36 -36.77
C TYR C 307 26.94 8.19 -37.87
N PHE C 308 26.50 8.02 -39.12
CA PHE C 308 27.15 8.71 -40.23
C PHE C 308 26.82 10.19 -40.29
N ILE C 309 25.78 10.65 -39.59
CA ILE C 309 25.51 12.08 -39.55
C ILE C 309 26.57 12.82 -38.75
N VAL C 310 26.94 12.30 -37.58
CA VAL C 310 27.86 12.99 -36.70
C VAL C 310 29.28 12.43 -36.78
N VAL C 311 29.42 11.15 -37.11
CA VAL C 311 30.73 10.47 -37.13
C VAL C 311 30.94 9.94 -38.54
N ARG C 312 31.74 10.64 -39.34
CA ARG C 312 31.90 10.32 -40.76
C ARG C 312 32.94 9.21 -40.96
N LYS C 313 32.61 8.01 -40.49
CA LYS C 313 33.57 6.91 -40.57
C LYS C 313 32.94 5.56 -40.91
N ASN C 314 32.04 5.53 -41.93
CA ASN C 314 31.55 4.31 -42.57
C ASN C 314 30.92 3.28 -41.65
N PRO C 315 29.65 3.45 -41.26
CA PRO C 315 29.04 2.61 -40.20
C PRO C 315 29.03 1.11 -40.47
N PHE C 316 29.08 0.67 -41.73
CA PHE C 316 29.13 -0.76 -42.00
C PHE C 316 30.49 -1.39 -41.71
N ARG C 317 31.52 -0.57 -41.47
CA ARG C 317 32.78 -1.07 -40.91
C ARG C 317 32.71 -1.20 -39.40
N PHE C 318 31.91 -0.36 -38.75
CA PHE C 318 31.74 -0.43 -37.30
C PHE C 318 31.04 -1.72 -36.89
N ALA C 319 30.02 -2.14 -37.64
CA ALA C 319 29.28 -3.34 -37.29
C ALA C 319 30.09 -4.60 -37.55
N MET C 320 30.98 -4.58 -38.55
CA MET C 320 31.86 -5.73 -38.77
C MET C 320 32.91 -5.87 -37.68
N GLY C 321 33.26 -4.78 -37.01
CA GLY C 321 34.13 -4.86 -35.84
C GLY C 321 33.42 -5.39 -34.61
N MET C 322 32.09 -5.36 -34.59
CA MET C 322 31.30 -5.88 -33.50
C MET C 322 30.64 -7.20 -33.83
N ALA C 323 31.09 -7.87 -34.90
CA ALA C 323 30.46 -9.09 -35.37
C ALA C 323 30.60 -10.26 -34.41
N GLN C 324 31.58 -10.23 -33.50
CA GLN C 324 31.66 -11.28 -32.50
C GLN C 324 30.56 -11.14 -31.45
N ALA C 325 30.18 -9.90 -31.12
CA ALA C 325 29.15 -9.67 -30.12
C ALA C 325 27.75 -9.61 -30.71
N LEU C 326 27.63 -9.35 -32.02
CA LEU C 326 26.33 -9.48 -32.66
C LEU C 326 25.94 -10.95 -32.77
N LEU C 327 26.90 -11.81 -33.11
CA LEU C 327 26.63 -13.23 -33.25
C LEU C 327 26.44 -13.90 -31.89
N THR C 328 27.00 -13.31 -30.84
CA THR C 328 26.81 -13.83 -29.49
C THR C 328 25.42 -13.47 -28.97
N ALA C 329 24.87 -12.35 -29.41
CA ALA C 329 23.55 -11.93 -28.97
C ALA C 329 22.45 -12.78 -29.60
N LEU C 330 22.73 -13.39 -30.76
CA LEU C 330 21.80 -14.32 -31.38
C LEU C 330 21.75 -15.67 -30.68
N MET C 331 22.67 -15.94 -29.75
CA MET C 331 22.69 -17.21 -29.05
C MET C 331 22.20 -17.12 -27.60
N ILE C 332 22.24 -15.95 -26.98
CA ILE C 332 21.88 -15.79 -25.59
C ILE C 332 20.55 -15.06 -25.43
N SER C 333 20.29 -14.05 -26.28
CA SER C 333 19.15 -13.12 -26.20
C SER C 333 19.06 -12.47 -24.82
N SER C 334 20.18 -11.90 -24.38
CA SER C 334 20.21 -11.12 -23.15
C SER C 334 21.35 -10.12 -23.28
N SER C 335 21.03 -8.83 -23.13
CA SER C 335 22.02 -7.78 -23.35
C SER C 335 23.03 -7.73 -22.21
N SER C 336 22.58 -7.96 -20.98
CA SER C 336 23.48 -7.95 -19.83
C SER C 336 24.26 -9.23 -19.67
N ALA C 337 23.97 -10.25 -20.48
CA ALA C 337 24.78 -11.47 -20.47
C ALA C 337 25.93 -11.39 -21.47
N THR C 338 25.72 -10.75 -22.62
CA THR C 338 26.80 -10.46 -23.55
C THR C 338 27.42 -9.10 -23.32
N LEU C 339 27.04 -8.42 -22.23
CA LEU C 339 27.72 -7.19 -21.86
C LEU C 339 29.21 -7.35 -21.54
N PRO C 340 29.72 -8.46 -20.98
CA PRO C 340 31.18 -8.64 -21.00
C PRO C 340 31.76 -8.83 -22.39
N VAL C 341 30.97 -9.32 -23.36
CA VAL C 341 31.52 -9.57 -24.68
C VAL C 341 31.58 -8.27 -25.49
N THR C 342 30.54 -7.44 -25.43
CA THR C 342 30.51 -6.19 -26.21
C THR C 342 31.47 -5.15 -25.65
N PHE C 343 31.95 -5.33 -24.42
CA PHE C 343 33.07 -4.58 -23.92
C PHE C 343 34.37 -5.02 -24.59
N ARG C 344 34.55 -6.33 -24.79
CA ARG C 344 35.80 -6.84 -25.33
C ARG C 344 35.93 -6.63 -26.83
N CYS C 345 34.81 -6.53 -27.56
CA CYS C 345 34.89 -6.29 -28.99
C CYS C 345 34.94 -4.81 -29.35
N ALA C 346 34.44 -3.93 -28.47
CA ALA C 346 34.43 -2.51 -28.79
C ALA C 346 35.83 -1.90 -28.70
N GLU C 347 36.58 -2.25 -27.65
CA GLU C 347 37.86 -1.59 -27.41
C GLU C 347 38.96 -2.13 -28.31
N GLU C 348 38.97 -3.43 -28.59
CA GLU C 348 40.09 -4.02 -29.30
C GLU C 348 39.97 -3.84 -30.80
N ASN C 349 38.78 -4.03 -31.36
CA ASN C 349 38.59 -3.99 -32.80
C ASN C 349 38.35 -2.58 -33.32
N ASN C 350 37.55 -1.79 -32.61
CA ASN C 350 37.18 -0.45 -33.06
C ASN C 350 38.09 0.64 -32.49
N GLN C 351 38.99 0.28 -31.57
CA GLN C 351 39.99 1.16 -30.97
C GLN C 351 39.35 2.37 -30.29
N VAL C 352 38.54 2.08 -29.26
CA VAL C 352 37.89 3.09 -28.45
C VAL C 352 38.42 2.97 -27.02
N ASP C 353 38.65 4.12 -26.37
CA ASP C 353 39.20 4.10 -25.02
C ASP C 353 38.16 3.66 -24.00
N LYS C 354 38.64 3.13 -22.88
CA LYS C 354 37.77 2.52 -21.88
C LYS C 354 37.05 3.53 -21.01
N ARG C 355 37.40 4.81 -21.08
CA ARG C 355 36.77 5.80 -20.21
C ARG C 355 35.39 6.20 -20.68
N ILE C 356 35.05 5.92 -21.94
CA ILE C 356 33.72 6.23 -22.46
C ILE C 356 32.87 4.98 -22.70
N THR C 357 33.48 3.79 -22.79
CA THR C 357 32.67 2.58 -22.89
C THR C 357 32.08 2.18 -21.54
N ARG C 358 32.83 2.41 -20.45
CA ARG C 358 32.33 2.15 -19.11
C ARG C 358 31.32 3.19 -18.63
N PHE C 359 31.09 4.25 -19.40
CA PHE C 359 30.16 5.30 -19.02
C PHE C 359 28.86 5.30 -19.81
N VAL C 360 28.81 4.61 -20.95
CA VAL C 360 27.61 4.57 -21.77
C VAL C 360 26.98 3.17 -21.82
N LEU C 361 27.72 2.12 -21.55
CA LEU C 361 27.17 0.76 -21.52
C LEU C 361 26.39 0.42 -20.24
N PRO C 362 26.73 0.90 -19.03
CA PRO C 362 25.80 0.71 -17.91
C PRO C 362 24.54 1.56 -17.97
N VAL C 363 24.56 2.71 -18.66
CA VAL C 363 23.32 3.45 -18.84
C VAL C 363 22.58 2.91 -20.07
N GLY C 364 23.27 2.19 -20.95
CA GLY C 364 22.67 1.53 -22.08
C GLY C 364 22.04 0.19 -21.81
N ALA C 365 21.98 -0.23 -20.55
CA ALA C 365 21.23 -1.41 -20.15
C ALA C 365 20.03 -1.04 -19.30
N THR C 366 19.69 0.24 -19.24
CA THR C 366 18.55 0.71 -18.47
C THR C 366 17.70 1.61 -19.35
N ILE C 367 18.35 2.32 -20.27
CA ILE C 367 17.70 3.36 -21.04
C ILE C 367 17.51 2.98 -22.51
N ASN C 368 18.22 1.97 -23.01
CA ASN C 368 18.14 1.57 -24.40
C ASN C 368 16.82 0.88 -24.71
N MET C 369 15.80 1.67 -25.01
CA MET C 369 14.48 1.18 -25.38
C MET C 369 14.24 1.22 -26.89
N ASP C 370 15.30 1.08 -27.70
CA ASP C 370 15.08 1.04 -29.13
C ASP C 370 14.41 -0.26 -29.55
N GLY C 371 14.82 -1.38 -28.94
CA GLY C 371 14.27 -2.68 -29.33
C GLY C 371 12.89 -2.96 -28.78
N THR C 372 12.51 -2.33 -27.67
CA THR C 372 11.20 -2.57 -27.08
C THR C 372 10.10 -1.95 -27.91
N ALA C 373 10.31 -0.72 -28.37
CA ALA C 373 9.29 0.01 -29.13
C ALA C 373 9.03 -0.60 -30.50
N LEU C 374 9.95 -1.43 -31.00
CA LEU C 374 9.76 -2.16 -32.25
C LEU C 374 9.33 -3.61 -32.04
N TYR C 375 9.37 -4.12 -30.81
CA TYR C 375 8.92 -5.48 -30.57
C TYR C 375 7.76 -5.58 -29.59
N GLU C 376 7.88 -5.01 -28.39
CA GLU C 376 6.79 -5.11 -27.43
C GLU C 376 5.74 -4.01 -27.57
N ALA C 377 5.99 -3.00 -28.38
CA ALA C 377 4.97 -2.00 -28.66
C ALA C 377 4.36 -2.19 -30.05
N VAL C 378 4.82 -3.19 -30.79
CA VAL C 378 4.13 -3.68 -31.97
C VAL C 378 3.30 -4.90 -31.61
N ALA C 379 3.78 -5.69 -30.64
CA ALA C 379 2.99 -6.80 -30.13
C ALA C 379 1.75 -6.32 -29.38
N ALA C 380 1.87 -5.28 -28.57
CA ALA C 380 0.73 -4.82 -27.79
C ALA C 380 -0.31 -4.08 -28.63
N VAL C 381 0.06 -3.59 -29.81
CA VAL C 381 -0.93 -3.06 -30.74
C VAL C 381 -1.52 -4.19 -31.58
N PHE C 382 -0.74 -5.22 -31.89
CA PHE C 382 -1.25 -6.38 -32.62
C PHE C 382 -2.29 -7.15 -31.79
N ILE C 383 -2.09 -7.23 -30.48
CA ILE C 383 -3.10 -7.84 -29.60
C ILE C 383 -4.36 -6.98 -29.57
N ALA C 384 -4.20 -5.66 -29.55
CA ALA C 384 -5.35 -4.77 -29.55
C ALA C 384 -6.09 -4.79 -30.88
N GLN C 385 -5.36 -4.95 -31.99
CA GLN C 385 -6.02 -5.10 -33.28
C GLN C 385 -6.70 -6.46 -33.40
N LEU C 386 -6.20 -7.47 -32.68
CA LEU C 386 -6.76 -8.80 -32.74
C LEU C 386 -8.16 -8.86 -32.12
N ASN C 387 -8.43 -8.01 -31.12
CA ASN C 387 -9.74 -7.97 -30.48
C ASN C 387 -10.70 -7.00 -31.17
N ASP C 388 -10.45 -6.70 -32.45
CA ASP C 388 -11.30 -5.87 -33.31
C ASP C 388 -11.51 -4.46 -32.73
N LEU C 389 -10.48 -3.92 -32.10
CA LEU C 389 -10.49 -2.53 -31.69
C LEU C 389 -10.04 -1.65 -32.84
N ASP C 390 -10.62 -0.45 -32.92
CA ASP C 390 -10.21 0.52 -33.94
C ASP C 390 -9.09 1.42 -33.45
N LEU C 391 -9.11 1.77 -32.16
CA LEU C 391 -8.03 2.36 -31.38
C LEU C 391 -7.70 3.82 -31.73
N GLY C 392 -8.26 4.34 -32.81
CA GLY C 392 -7.92 5.68 -33.27
C GLY C 392 -6.44 5.80 -33.60
N ILE C 393 -5.85 6.91 -33.15
CA ILE C 393 -4.41 7.13 -33.25
C ILE C 393 -3.94 7.65 -31.90
N GLY C 394 -4.89 7.88 -30.99
CA GLY C 394 -4.56 8.42 -29.69
C GLY C 394 -4.39 7.35 -28.63
N GLN C 395 -5.03 6.20 -28.83
CA GLN C 395 -4.83 5.05 -27.96
C GLN C 395 -3.73 4.14 -28.46
N ILE C 396 -3.15 4.41 -29.64
CA ILE C 396 -1.97 3.71 -30.09
C ILE C 396 -0.72 4.32 -29.48
N ILE C 397 -0.67 5.66 -29.41
CA ILE C 397 0.40 6.36 -28.71
C ILE C 397 0.33 6.11 -27.22
N THR C 398 -0.87 5.84 -26.69
CA THR C 398 -1.02 5.46 -25.29
C THR C 398 -0.38 4.10 -25.02
N ILE C 399 -0.53 3.17 -25.97
CA ILE C 399 0.01 1.83 -25.80
C ILE C 399 1.53 1.84 -25.96
N SER C 400 2.03 2.47 -27.02
CA SER C 400 3.46 2.44 -27.31
C SER C 400 4.29 3.32 -26.39
N ILE C 401 3.66 4.16 -25.56
CA ILE C 401 4.39 4.85 -24.51
C ILE C 401 4.31 4.05 -23.22
N THR C 402 3.20 3.36 -22.97
CA THR C 402 3.13 2.45 -21.84
C THR C 402 3.99 1.21 -22.05
N ALA C 403 4.12 0.72 -23.30
CA ALA C 403 4.95 -0.44 -23.54
C ALA C 403 6.43 -0.10 -23.51
N THR C 404 6.79 1.12 -23.93
CA THR C 404 8.17 1.55 -23.85
C THR C 404 8.60 1.87 -22.43
N SER C 405 7.67 2.37 -21.60
CA SER C 405 8.00 2.68 -20.22
C SER C 405 8.07 1.43 -19.35
N ALA C 406 7.21 0.45 -19.61
CA ALA C 406 7.16 -0.77 -18.81
C ALA C 406 8.37 -1.67 -18.99
N SER C 407 9.17 -1.46 -20.02
CA SER C 407 10.41 -2.22 -20.17
C SER C 407 11.57 -1.66 -19.36
N ILE C 408 11.43 -0.46 -18.79
CA ILE C 408 12.43 -0.04 -17.83
C ILE C 408 12.15 -0.70 -16.48
N GLY C 409 10.87 -0.93 -16.18
CA GLY C 409 10.51 -1.64 -14.96
C GLY C 409 10.87 -3.11 -15.00
N ALA C 410 10.60 -3.77 -16.12
CA ALA C 410 11.05 -5.16 -16.30
C ALA C 410 12.48 -5.13 -16.86
N ALA C 411 13.40 -4.74 -15.97
CA ALA C 411 14.74 -4.37 -16.41
C ALA C 411 15.63 -5.57 -16.67
N GLY C 412 15.90 -6.36 -15.64
CA GLY C 412 16.79 -7.49 -15.79
C GLY C 412 16.14 -8.82 -15.45
N VAL C 413 14.84 -8.89 -15.71
CA VAL C 413 14.00 -10.07 -15.44
C VAL C 413 14.50 -11.23 -16.30
N PRO C 414 14.47 -12.49 -15.79
CA PRO C 414 14.87 -13.65 -16.60
C PRO C 414 14.09 -13.81 -17.90
N GLN C 415 12.78 -13.96 -17.83
CA GLN C 415 11.95 -14.02 -19.03
C GLN C 415 11.32 -12.65 -19.29
N ALA C 416 12.19 -11.69 -19.62
CA ALA C 416 11.79 -10.30 -19.69
C ALA C 416 10.94 -9.95 -20.90
N GLY C 417 10.72 -10.88 -21.83
CA GLY C 417 9.80 -10.65 -22.92
C GLY C 417 8.38 -11.02 -22.55
N LEU C 418 8.25 -12.08 -21.74
CA LEU C 418 6.93 -12.48 -21.27
C LEU C 418 6.41 -11.56 -20.18
N VAL C 419 7.28 -11.15 -19.25
CA VAL C 419 6.84 -10.33 -18.12
C VAL C 419 6.47 -8.92 -18.57
N THR C 420 7.24 -8.35 -19.51
CA THR C 420 6.98 -7.00 -19.98
C THR C 420 5.63 -6.92 -20.70
N MET C 421 5.28 -7.97 -21.44
CA MET C 421 4.02 -7.98 -22.17
C MET C 421 2.84 -8.11 -21.22
N VAL C 422 2.99 -8.78 -20.08
CA VAL C 422 1.90 -8.87 -19.12
C VAL C 422 1.69 -7.52 -18.43
N ILE C 423 2.75 -6.69 -18.35
CA ILE C 423 2.60 -5.37 -17.75
C ILE C 423 1.80 -4.46 -18.66
N VAL C 424 2.12 -4.45 -19.96
CA VAL C 424 1.47 -3.53 -20.88
C VAL C 424 0.03 -3.97 -21.20
N LEU C 425 -0.21 -5.29 -21.34
CA LEU C 425 -1.55 -5.76 -21.62
C LEU C 425 -2.48 -5.53 -20.44
N SER C 426 -1.96 -5.57 -19.22
CA SER C 426 -2.78 -5.24 -18.05
C SER C 426 -2.94 -3.73 -17.86
N ALA C 427 -1.97 -2.95 -18.34
CA ALA C 427 -2.06 -1.50 -18.19
C ALA C 427 -3.07 -0.91 -19.17
N VAL C 428 -2.89 -1.17 -20.47
CA VAL C 428 -3.72 -0.52 -21.49
C VAL C 428 -5.10 -1.15 -21.63
N GLY C 429 -5.42 -2.17 -20.85
CA GLY C 429 -6.78 -2.68 -20.80
C GLY C 429 -7.06 -3.74 -21.83
N LEU C 430 -6.17 -4.71 -21.95
CA LEU C 430 -6.24 -5.80 -22.90
C LEU C 430 -6.21 -7.12 -22.16
N PRO C 431 -6.67 -8.22 -22.76
CA PRO C 431 -6.57 -9.52 -22.10
C PRO C 431 -5.12 -9.99 -22.06
N ALA C 432 -4.60 -10.16 -20.84
CA ALA C 432 -3.24 -10.64 -20.65
C ALA C 432 -3.06 -12.08 -21.08
N GLU C 433 -4.14 -12.85 -21.19
CA GLU C 433 -4.08 -14.23 -21.65
C GLU C 433 -3.89 -14.33 -23.16
N ASP C 434 -3.89 -13.22 -23.88
CA ASP C 434 -3.55 -13.16 -25.29
C ASP C 434 -2.06 -13.09 -25.54
N VAL C 435 -1.24 -13.15 -24.49
CA VAL C 435 0.21 -13.17 -24.63
C VAL C 435 0.69 -14.51 -25.18
N THR C 436 -0.16 -15.55 -25.14
CA THR C 436 0.27 -16.86 -25.58
C THR C 436 0.39 -16.96 -27.11
N LEU C 437 -0.18 -16.01 -27.85
CA LEU C 437 0.16 -15.88 -29.26
C LEU C 437 1.58 -15.36 -29.44
N ILE C 438 2.05 -14.55 -28.50
CA ILE C 438 3.35 -13.90 -28.64
C ILE C 438 4.49 -14.79 -28.16
N ILE C 439 4.27 -15.57 -27.09
CA ILE C 439 5.33 -16.42 -26.55
C ILE C 439 5.52 -17.70 -27.35
N ALA C 440 4.63 -17.95 -28.32
CA ALA C 440 4.84 -19.01 -29.29
C ALA C 440 6.04 -18.74 -30.18
N VAL C 441 6.36 -17.47 -30.42
CA VAL C 441 7.42 -17.11 -31.36
C VAL C 441 8.32 -16.05 -30.71
N ASP C 442 8.21 -15.90 -29.39
CA ASP C 442 9.04 -14.94 -28.66
C ASP C 442 10.50 -15.36 -28.69
N TRP C 443 10.78 -16.66 -28.73
CA TRP C 443 12.16 -17.14 -28.76
C TRP C 443 12.83 -16.90 -30.10
N LEU C 444 12.09 -16.50 -31.14
CA LEU C 444 12.70 -16.12 -32.40
C LEU C 444 12.99 -14.62 -32.44
N LEU C 445 12.08 -13.81 -31.90
CA LEU C 445 12.14 -12.36 -32.01
C LEU C 445 12.95 -11.71 -30.90
N ASP C 446 13.10 -12.37 -29.74
CA ASP C 446 13.91 -11.80 -28.67
C ASP C 446 15.40 -11.95 -28.96
N ARG C 447 15.78 -12.91 -29.81
CA ARG C 447 17.16 -13.00 -30.26
C ARG C 447 17.52 -11.83 -31.15
N PHE C 448 16.63 -11.49 -32.08
CA PHE C 448 16.85 -10.37 -32.99
C PHE C 448 16.62 -9.01 -32.36
N ARG C 449 15.86 -8.93 -31.26
CA ARG C 449 15.75 -7.64 -30.59
C ARG C 449 17.05 -7.25 -29.90
N THR C 450 17.70 -8.20 -29.23
CA THR C 450 18.94 -7.91 -28.53
C THR C 450 20.13 -7.82 -29.47
N MET C 451 19.99 -8.23 -30.72
CA MET C 451 21.02 -7.90 -31.70
C MET C 451 20.94 -6.42 -32.07
N VAL C 452 19.76 -5.82 -31.97
CA VAL C 452 19.63 -4.38 -32.19
C VAL C 452 20.07 -3.61 -30.96
N ASN C 453 19.81 -4.16 -29.76
CA ASN C 453 20.27 -3.53 -28.53
C ASN C 453 21.78 -3.60 -28.40
N VAL C 454 22.42 -4.64 -28.95
CA VAL C 454 23.88 -4.69 -28.93
C VAL C 454 24.46 -3.79 -30.02
N LEU C 455 23.83 -3.76 -31.19
CA LEU C 455 24.26 -2.84 -32.24
C LEU C 455 23.94 -1.39 -31.90
N GLY C 456 22.82 -1.16 -31.21
CA GLY C 456 22.50 0.20 -30.80
C GLY C 456 23.41 0.72 -29.71
N ASP C 457 23.90 -0.16 -28.85
CA ASP C 457 24.84 0.26 -27.82
C ASP C 457 26.25 0.42 -28.37
N ALA C 458 26.61 -0.34 -29.39
CA ALA C 458 27.93 -0.23 -29.99
C ALA C 458 28.06 1.08 -30.77
N PHE C 459 27.02 1.47 -31.49
CA PHE C 459 26.99 2.80 -32.09
C PHE C 459 26.86 3.90 -31.04
N GLY C 460 26.38 3.58 -29.84
CA GLY C 460 26.43 4.51 -28.73
C GLY C 460 27.75 4.60 -28.02
N THR C 461 28.72 3.78 -28.42
CA THR C 461 30.11 3.95 -27.99
C THR C 461 30.88 4.83 -28.95
N GLY C 462 30.77 4.55 -30.25
CA GLY C 462 31.46 5.34 -31.24
C GLY C 462 30.85 6.69 -31.56
N ILE C 463 29.79 7.11 -30.86
CA ILE C 463 29.20 8.42 -31.11
C ILE C 463 29.71 9.39 -30.04
N VAL C 464 29.94 8.90 -28.81
CA VAL C 464 30.33 9.78 -27.73
C VAL C 464 31.83 9.99 -27.65
N GLU C 465 32.59 9.42 -28.58
CA GLU C 465 33.93 9.92 -28.80
C GLU C 465 33.93 11.22 -29.60
N LYS C 466 32.89 11.47 -30.41
CA LYS C 466 32.89 12.62 -31.29
C LYS C 466 32.30 13.88 -30.67
N LEU C 467 31.25 13.76 -29.84
CA LEU C 467 30.78 14.93 -29.11
C LEU C 467 31.58 15.20 -27.86
N SER C 468 32.33 14.21 -27.37
CA SER C 468 33.18 14.37 -26.19
C SER C 468 34.61 14.09 -26.63
N LYS C 469 35.33 15.14 -26.97
CA LYS C 469 36.74 15.10 -27.31
C LYS C 469 37.55 16.10 -26.50
N LYS C 470 37.00 17.27 -26.21
CA LYS C 470 37.63 18.23 -25.33
C LYS C 470 37.30 17.98 -23.87
N GLU C 471 36.33 17.10 -23.59
CA GLU C 471 35.94 16.77 -22.23
C GLU C 471 36.85 15.72 -21.61
N LEU C 472 37.55 14.94 -22.43
CA LEU C 472 38.35 13.83 -21.91
C LEU C 472 39.64 14.29 -21.24
N GLU C 473 40.01 15.57 -21.37
CA GLU C 473 41.19 16.10 -20.68
C GLU C 473 40.78 17.08 -19.59
C4 CHT D . 0.87 -21.10 14.99
C5 CHT D . 0.52 -20.56 16.38
C6 CHT D . -0.23 -21.01 18.56
C7 CHT D . 1.02 -22.66 17.44
C8 CHT D . -1.20 -22.17 16.75
O6 CHT D . -0.04 -20.59 14.05
N1 CHT D . 0.03 -21.61 17.26
C4 CHT E . 2.41 22.18 13.29
C5 CHT E . 3.06 23.13 12.28
C6 CHT E . 3.51 25.35 11.64
C7 CHT E . 3.37 24.84 13.93
C8 CHT E . 1.41 24.83 12.59
O6 CHT E . 1.37 21.50 12.67
N1 CHT E . 2.83 24.53 12.62
C4 CHT F . 15.89 -1.43 -20.40
C5 CHT F . 16.14 -2.93 -20.56
C6 CHT F . 16.82 -4.71 -21.94
C7 CHT F . 17.80 -2.60 -22.25
C8 CHT F . 15.54 -2.96 -22.88
O6 CHT F . 14.53 -1.20 -20.22
N1 CHT F . 16.57 -3.29 -21.90
#